data_6NVZ
#
_entry.id   6NVZ
#
_entity_poly.entity_id   1
_entity_poly.type   'polypeptide(L)'
_entity_poly.pdbx_seq_one_letter_code
;GPLGSKKREVWTDAEHAKFVEGLALFHKDWKKIKEYIGTKTVVQIRSHAQKYFLKLNKTA
;
_entity_poly.pdbx_strand_id   A
#
# COMPACT_ATOMS: atom_id res chain seq x y z
N GLY A 1 -11.41 -6.53 -10.88
CA GLY A 1 -10.24 -5.64 -11.03
C GLY A 1 -10.62 -4.29 -11.61
N PRO A 2 -9.64 -3.51 -12.12
CA PRO A 2 -9.85 -2.20 -12.72
C PRO A 2 -10.63 -2.17 -14.04
N LEU A 3 -10.72 -3.30 -14.75
CA LEU A 3 -11.40 -3.44 -16.05
C LEU A 3 -10.96 -2.40 -17.08
N GLY A 4 -9.65 -2.09 -17.14
CA GLY A 4 -9.06 -1.10 -18.05
C GLY A 4 -9.41 0.38 -17.79
N SER A 5 -10.18 0.71 -16.74
CA SER A 5 -10.47 2.09 -16.33
C SER A 5 -9.18 2.79 -15.88
N LYS A 6 -8.96 4.05 -16.28
CA LYS A 6 -7.77 4.83 -15.89
C LYS A 6 -7.73 5.02 -14.36
N LYS A 7 -6.60 4.67 -13.73
CA LYS A 7 -6.39 4.77 -12.27
C LYS A 7 -5.36 5.84 -11.92
N ARG A 8 -5.55 6.52 -10.79
CA ARG A 8 -4.57 7.48 -10.24
C ARG A 8 -3.43 6.73 -9.57
N GLU A 9 -2.20 7.21 -9.75
CA GLU A 9 -1.04 6.62 -9.08
C GLU A 9 -1.04 6.98 -7.58
N VAL A 10 -1.44 8.21 -7.25
CA VAL A 10 -1.60 8.75 -5.89
C VAL A 10 -2.66 8.00 -5.06
N TRP A 11 -2.30 7.74 -3.80
CA TRP A 11 -3.08 7.03 -2.77
C TRP A 11 -4.40 7.71 -2.34
N THR A 12 -5.29 6.93 -1.74
CA THR A 12 -6.49 7.38 -0.98
C THR A 12 -6.53 6.66 0.38
N ASP A 13 -7.27 7.18 1.37
CA ASP A 13 -7.27 6.59 2.72
C ASP A 13 -7.88 5.17 2.78
N ALA A 14 -8.84 4.87 1.90
CA ALA A 14 -9.40 3.53 1.72
C ALA A 14 -8.53 2.61 0.84
N GLU A 15 -7.75 3.20 -0.09
CA GLU A 15 -6.89 2.47 -1.02
C GLU A 15 -5.59 2.05 -0.33
N HIS A 16 -5.06 2.91 0.55
CA HIS A 16 -3.90 2.70 1.40
C HIS A 16 -3.99 1.38 2.11
N ALA A 17 -5.09 1.18 2.79
CA ALA A 17 -5.37 0.04 3.63
C ALA A 17 -5.67 -1.29 2.90
N LYS A 18 -5.58 -1.30 1.57
CA LYS A 18 -5.46 -2.51 0.75
C LYS A 18 -4.00 -2.97 0.72
N PHE A 19 -3.05 -2.05 0.70
CA PHE A 19 -1.61 -2.37 0.85
C PHE A 19 -1.36 -3.21 2.11
N VAL A 20 -2.11 -2.92 3.17
CA VAL A 20 -1.89 -3.43 4.53
C VAL A 20 -2.21 -4.92 4.62
N GLU A 21 -2.87 -5.44 3.57
CA GLU A 21 -3.13 -6.85 3.33
C GLU A 21 -1.96 -7.53 2.65
N GLY A 22 -1.49 -6.97 1.53
CA GLY A 22 -0.31 -7.46 0.81
C GLY A 22 0.96 -7.55 1.67
N LEU A 23 1.04 -6.82 2.79
CA LEU A 23 2.17 -6.94 3.74
C LEU A 23 2.24 -8.35 4.35
N ALA A 24 1.08 -9.01 4.51
CA ALA A 24 0.95 -10.39 4.92
C ALA A 24 1.04 -11.39 3.75
N LEU A 25 0.39 -11.12 2.61
CA LEU A 25 0.29 -12.08 1.48
C LEU A 25 1.63 -12.28 0.78
N PHE A 26 2.34 -11.19 0.58
CA PHE A 26 3.62 -11.17 -0.11
C PHE A 26 4.85 -11.12 0.81
N HIS A 27 4.65 -10.69 2.06
CA HIS A 27 5.69 -10.61 3.11
C HIS A 27 6.91 -9.77 2.67
N LYS A 28 6.81 -8.45 2.82
CA LYS A 28 7.89 -7.46 2.56
C LYS A 28 8.40 -7.59 1.11
N ASP A 29 7.51 -7.35 0.16
CA ASP A 29 7.73 -7.57 -1.27
C ASP A 29 6.83 -6.63 -2.08
N TRP A 30 7.25 -5.37 -2.21
CA TRP A 30 6.45 -4.29 -2.76
C TRP A 30 6.11 -4.52 -4.24
N LYS A 31 7.00 -5.25 -4.94
CA LYS A 31 6.86 -5.77 -6.31
C LYS A 31 5.72 -6.79 -6.49
N LYS A 32 4.89 -7.03 -5.47
CA LYS A 32 3.64 -7.80 -5.55
C LYS A 32 2.43 -7.01 -5.07
N ILE A 33 2.62 -6.07 -4.13
CA ILE A 33 1.55 -5.17 -3.61
C ILE A 33 0.86 -4.39 -4.71
N LYS A 34 1.63 -3.84 -5.65
CA LYS A 34 1.09 -2.98 -6.73
C LYS A 34 0.05 -3.66 -7.62
N GLU A 35 0.04 -4.99 -7.63
CA GLU A 35 -0.98 -5.82 -8.28
C GLU A 35 -2.29 -5.97 -7.46
N TYR A 36 -2.25 -5.94 -6.12
CA TYR A 36 -3.40 -6.22 -5.25
C TYR A 36 -4.39 -5.05 -5.23
N ILE A 37 -3.81 -3.85 -5.13
CA ILE A 37 -4.51 -2.58 -5.27
C ILE A 37 -5.00 -2.38 -6.72
N GLY A 38 -4.14 -2.73 -7.68
CA GLY A 38 -4.47 -2.82 -9.10
C GLY A 38 -3.71 -1.80 -9.93
N THR A 39 -2.78 -2.28 -10.75
CA THR A 39 -2.05 -1.55 -11.80
C THR A 39 -1.22 -0.35 -11.31
N LYS A 40 -0.95 -0.28 -10.01
CA LYS A 40 -0.04 0.70 -9.39
C LYS A 40 1.42 0.47 -9.81
N THR A 41 2.21 1.53 -9.70
CA THR A 41 3.68 1.49 -9.69
C THR A 41 4.12 1.27 -8.24
N VAL A 42 5.34 0.79 -8.01
CA VAL A 42 5.82 0.57 -6.62
C VAL A 42 6.21 1.89 -5.90
N VAL A 43 6.39 3.00 -6.61
CA VAL A 43 6.94 4.28 -6.07
C VAL A 43 6.23 4.81 -4.80
N GLN A 44 4.91 4.99 -4.85
CA GLN A 44 4.08 5.45 -3.70
C GLN A 44 3.91 4.35 -2.66
N ILE A 45 3.98 3.09 -3.10
CA ILE A 45 3.91 1.94 -2.20
C ILE A 45 5.18 1.86 -1.35
N ARG A 46 6.38 2.10 -1.90
CA ARG A 46 7.65 1.92 -1.18
C ARG A 46 7.81 2.91 -0.03
N SER A 47 7.42 4.16 -0.28
CA SER A 47 7.38 5.23 0.72
C SER A 47 6.28 5.07 1.77
N HIS A 48 5.12 4.48 1.44
CA HIS A 48 4.10 4.10 2.43
C HIS A 48 4.39 2.77 3.14
N ALA A 49 5.18 1.88 2.55
CA ALA A 49 5.56 0.60 3.13
C ALA A 49 6.60 0.73 4.26
N GLN A 50 7.05 1.94 4.46
CA GLN A 50 7.77 2.45 5.63
C GLN A 50 6.77 3.04 6.65
N LYS A 51 5.69 3.72 6.22
CA LYS A 51 4.71 4.38 7.09
C LYS A 51 3.91 3.41 7.94
N TYR A 52 3.52 2.23 7.45
CA TYR A 52 2.77 1.27 8.28
C TYR A 52 3.57 0.92 9.56
N PHE A 53 4.88 0.76 9.43
CA PHE A 53 5.78 0.31 10.50
C PHE A 53 5.89 1.37 11.62
N LEU A 54 5.85 2.66 11.25
CA LEU A 54 5.94 3.78 12.18
C LEU A 54 4.79 3.79 13.21
N LYS A 55 3.58 3.37 12.81
CA LYS A 55 2.40 3.36 13.69
C LYS A 55 2.40 2.19 14.69
N LEU A 56 3.09 1.09 14.39
CA LEU A 56 3.13 -0.12 15.23
C LEU A 56 3.49 0.21 16.68
N ASN A 57 2.74 -0.36 17.63
CA ASN A 57 2.81 -0.04 19.05
C ASN A 57 2.50 -1.26 19.95
N LYS A 58 3.23 -1.40 21.07
CA LYS A 58 3.04 -2.46 22.09
C LYS A 58 2.05 -2.07 23.21
N THR A 59 0.93 -1.45 22.84
CA THR A 59 -0.09 -0.89 23.76
C THR A 59 -1.54 -1.09 23.24
N ALA A 60 -1.87 -2.30 22.75
CA ALA A 60 -3.18 -2.64 22.19
C ALA A 60 -3.56 -4.13 22.32
N GLY A 1 -12.33 -2.78 5.88
CA GLY A 1 -11.72 -2.33 4.62
C GLY A 1 -12.64 -2.61 3.44
N PRO A 2 -12.98 -1.62 2.60
CA PRO A 2 -13.87 -1.80 1.44
C PRO A 2 -13.21 -2.54 0.26
N LEU A 3 -14.02 -3.16 -0.59
CA LEU A 3 -13.60 -3.82 -1.84
C LEU A 3 -14.47 -3.39 -3.04
N GLY A 4 -13.86 -3.29 -4.23
CA GLY A 4 -14.49 -2.75 -5.44
C GLY A 4 -14.36 -1.22 -5.56
N SER A 5 -13.34 -0.65 -4.92
CA SER A 5 -13.05 0.79 -4.85
C SER A 5 -12.65 1.37 -6.20
N LYS A 6 -13.09 2.61 -6.48
CA LYS A 6 -12.90 3.33 -7.75
C LYS A 6 -11.48 3.91 -7.82
N LYS A 7 -10.71 3.51 -8.84
CA LYS A 7 -9.28 3.83 -8.99
C LYS A 7 -9.00 5.31 -9.30
N ARG A 8 -7.82 5.76 -8.86
CA ARG A 8 -7.20 7.08 -9.10
C ARG A 8 -5.68 7.02 -8.90
N GLU A 9 -4.95 8.01 -9.38
CA GLU A 9 -3.48 8.05 -9.27
C GLU A 9 -3.00 8.22 -7.81
N VAL A 10 -3.52 9.20 -7.08
CA VAL A 10 -3.07 9.56 -5.73
C VAL A 10 -3.50 8.55 -4.65
N TRP A 11 -2.72 8.43 -3.56
CA TRP A 11 -3.10 7.68 -2.36
C TRP A 11 -4.33 8.27 -1.65
N THR A 12 -5.09 7.38 -0.98
CA THR A 12 -6.28 7.70 -0.17
C THR A 12 -6.32 6.86 1.12
N ASP A 13 -7.27 7.09 2.02
CA ASP A 13 -7.47 6.27 3.23
C ASP A 13 -8.04 4.87 2.91
N ALA A 14 -9.03 4.80 2.01
CA ALA A 14 -9.59 3.51 1.58
C ALA A 14 -8.63 2.69 0.70
N GLU A 15 -7.64 3.34 0.07
CA GLU A 15 -6.59 2.66 -0.68
C GLU A 15 -5.49 2.17 0.27
N HIS A 16 -5.15 2.95 1.31
CA HIS A 16 -4.14 2.57 2.31
C HIS A 16 -4.47 1.22 2.95
N ALA A 17 -5.75 1.00 3.24
CA ALA A 17 -6.27 -0.23 3.82
C ALA A 17 -5.91 -1.50 3.02
N LYS A 18 -5.67 -1.39 1.70
CA LYS A 18 -5.33 -2.49 0.78
C LYS A 18 -3.83 -2.78 0.76
N PHE A 19 -2.99 -1.75 0.82
CA PHE A 19 -1.53 -1.91 0.94
C PHE A 19 -1.17 -2.71 2.19
N VAL A 20 -1.90 -2.45 3.27
CA VAL A 20 -1.72 -3.10 4.58
C VAL A 20 -1.98 -4.62 4.51
N GLU A 21 -2.76 -5.09 3.54
CA GLU A 21 -3.07 -6.51 3.37
C GLU A 21 -1.95 -7.25 2.69
N GLY A 22 -1.39 -6.71 1.60
CA GLY A 22 -0.26 -7.29 0.88
C GLY A 22 0.96 -7.57 1.78
N LEU A 23 1.08 -6.89 2.93
CA LEU A 23 2.13 -7.15 3.92
C LEU A 23 2.00 -8.54 4.57
N ALA A 24 0.77 -9.06 4.67
CA ALA A 24 0.42 -10.40 5.13
C ALA A 24 0.41 -11.44 3.99
N LEU A 25 0.10 -11.06 2.74
CA LEU A 25 0.03 -11.99 1.60
C LEU A 25 1.44 -12.34 1.11
N PHE A 26 2.19 -11.31 0.72
CA PHE A 26 3.46 -11.46 0.02
C PHE A 26 4.69 -11.51 0.95
N HIS A 27 4.62 -10.77 2.06
CA HIS A 27 5.70 -10.46 3.00
C HIS A 27 6.91 -9.70 2.42
N LYS A 28 6.95 -8.38 2.65
CA LYS A 28 8.08 -7.45 2.41
C LYS A 28 8.61 -7.57 0.98
N ASP A 29 7.72 -7.27 0.04
CA ASP A 29 7.91 -7.48 -1.40
C ASP A 29 6.95 -6.54 -2.18
N TRP A 30 7.33 -5.27 -2.32
CA TRP A 30 6.48 -4.25 -2.92
C TRP A 30 6.21 -4.55 -4.40
N LYS A 31 7.15 -5.24 -5.05
CA LYS A 31 7.06 -5.80 -6.42
C LYS A 31 5.90 -6.82 -6.61
N LYS A 32 5.11 -7.10 -5.57
CA LYS A 32 3.84 -7.85 -5.63
C LYS A 32 2.64 -7.01 -5.22
N ILE A 33 2.79 -6.10 -4.25
CA ILE A 33 1.67 -5.25 -3.75
C ILE A 33 1.00 -4.44 -4.85
N LYS A 34 1.74 -4.00 -5.88
CA LYS A 34 1.15 -3.31 -7.04
C LYS A 34 0.00 -4.09 -7.70
N GLU A 35 0.10 -5.41 -7.70
CA GLU A 35 -0.86 -6.36 -8.30
C GLU A 35 -2.12 -6.55 -7.45
N TYR A 36 -2.10 -6.12 -6.19
CA TYR A 36 -3.27 -6.14 -5.31
C TYR A 36 -4.11 -4.88 -5.49
N ILE A 37 -3.47 -3.72 -5.34
CA ILE A 37 -4.13 -2.41 -5.48
C ILE A 37 -4.57 -2.14 -6.94
N GLY A 38 -3.74 -2.45 -7.96
CA GLY A 38 -4.06 -2.29 -9.39
C GLY A 38 -2.94 -2.75 -10.33
N THR A 39 -2.18 -1.79 -10.88
CA THR A 39 -1.03 -1.96 -11.79
C THR A 39 0.07 -0.91 -11.51
N LYS A 40 0.16 -0.49 -10.23
CA LYS A 40 0.99 0.63 -9.74
C LYS A 40 2.48 0.48 -10.05
N THR A 41 3.23 1.58 -10.13
CA THR A 41 4.68 1.59 -10.46
C THR A 41 5.63 1.34 -9.27
N VAL A 42 5.13 0.67 -8.21
CA VAL A 42 5.74 0.34 -6.90
C VAL A 42 6.20 1.55 -6.04
N VAL A 43 6.78 2.61 -6.60
CA VAL A 43 7.43 3.70 -5.82
C VAL A 43 6.55 4.37 -4.76
N GLN A 44 5.30 4.65 -5.10
CA GLN A 44 4.26 5.20 -4.21
C GLN A 44 3.91 4.21 -3.09
N ILE A 45 3.87 2.90 -3.40
CA ILE A 45 3.68 1.84 -2.42
C ILE A 45 4.90 1.68 -1.52
N ARG A 46 6.11 1.94 -1.99
CA ARG A 46 7.31 1.86 -1.14
C ARG A 46 7.31 2.91 -0.02
N SER A 47 7.01 4.16 -0.38
CA SER A 47 6.92 5.26 0.59
C SER A 47 5.70 5.14 1.52
N HIS A 48 4.56 4.65 1.03
CA HIS A 48 3.42 4.35 1.91
C HIS A 48 3.64 3.10 2.77
N ALA A 49 4.36 2.09 2.29
CA ALA A 49 4.70 0.91 3.06
C ALA A 49 5.39 1.32 4.37
N GLN A 50 6.45 2.11 4.29
CA GLN A 50 7.13 2.68 5.46
C GLN A 50 6.19 3.33 6.52
N LYS A 51 5.00 3.83 6.17
CA LYS A 51 3.99 4.28 7.15
C LYS A 51 3.50 3.16 8.08
N TYR A 52 3.35 1.92 7.60
CA TYR A 52 3.01 0.78 8.48
C TYR A 52 4.08 0.61 9.57
N PHE A 53 5.36 0.74 9.19
CA PHE A 53 6.51 0.55 10.08
C PHE A 53 6.57 1.63 11.18
N LEU A 54 6.14 2.85 10.87
CA LEU A 54 5.99 3.97 11.82
C LEU A 54 4.75 3.85 12.72
N LYS A 55 3.85 2.89 12.45
CA LYS A 55 2.76 2.47 13.36
C LYS A 55 3.11 1.23 14.19
N LEU A 56 3.86 0.29 13.61
CA LEU A 56 4.22 -0.99 14.23
C LEU A 56 5.00 -0.82 15.55
N ASN A 57 4.63 -1.60 16.56
CA ASN A 57 5.28 -1.63 17.87
C ASN A 57 6.79 -1.97 17.80
N LYS A 58 7.61 -1.24 18.57
CA LYS A 58 9.08 -1.27 18.57
C LYS A 58 9.74 -2.48 19.29
N THR A 59 8.96 -3.35 19.93
CA THR A 59 9.44 -4.55 20.67
C THR A 59 10.25 -5.46 19.74
N ALA A 60 11.45 -5.87 20.16
CA ALA A 60 12.47 -6.55 19.35
C ALA A 60 12.17 -8.02 19.01
N GLY A 1 -16.92 3.75 -18.59
CA GLY A 1 -16.26 2.44 -18.65
C GLY A 1 -16.52 1.66 -17.39
N PRO A 2 -15.47 1.09 -16.75
CA PRO A 2 -15.57 0.43 -15.44
C PRO A 2 -16.03 1.35 -14.30
N LEU A 3 -16.36 0.76 -13.15
CA LEU A 3 -16.78 1.48 -11.94
C LEU A 3 -15.63 2.27 -11.27
N GLY A 4 -14.43 1.67 -11.16
CA GLY A 4 -13.25 2.28 -10.56
C GLY A 4 -12.59 3.35 -11.44
N SER A 5 -11.82 4.25 -10.82
CA SER A 5 -11.13 5.37 -11.51
C SER A 5 -10.30 4.88 -12.69
N LYS A 6 -10.52 5.47 -13.87
CA LYS A 6 -9.79 5.16 -15.11
C LYS A 6 -8.29 5.39 -14.96
N LYS A 7 -7.90 6.52 -14.36
CA LYS A 7 -6.51 6.98 -14.21
C LYS A 7 -6.33 7.74 -12.88
N ARG A 8 -5.69 7.11 -11.89
CA ARG A 8 -5.42 7.63 -10.54
C ARG A 8 -4.10 7.07 -9.99
N GLU A 9 -3.00 7.68 -10.40
CA GLU A 9 -1.60 7.34 -10.03
C GLU A 9 -1.18 7.99 -8.68
N VAL A 10 -2.05 7.90 -7.66
CA VAL A 10 -1.88 8.54 -6.34
C VAL A 10 -2.67 7.80 -5.25
N TRP A 11 -2.15 7.76 -4.03
CA TRP A 11 -2.82 7.15 -2.87
C TRP A 11 -4.05 7.93 -2.40
N THR A 12 -4.92 7.24 -1.65
CA THR A 12 -6.06 7.83 -0.91
C THR A 12 -6.15 7.18 0.48
N ASP A 13 -6.68 7.89 1.48
CA ASP A 13 -6.72 7.44 2.89
C ASP A 13 -7.63 6.22 3.18
N ALA A 14 -8.34 5.70 2.17
CA ALA A 14 -9.05 4.41 2.19
C ALA A 14 -8.38 3.36 1.28
N GLU A 15 -7.52 3.77 0.35
CA GLU A 15 -6.83 2.89 -0.59
C GLU A 15 -5.61 2.25 0.11
N HIS A 16 -5.01 2.97 1.07
CA HIS A 16 -3.88 2.47 1.87
C HIS A 16 -4.21 1.16 2.60
N ALA A 17 -5.47 1.02 3.03
CA ALA A 17 -5.98 -0.17 3.70
C ALA A 17 -5.74 -1.45 2.88
N LYS A 18 -5.70 -1.38 1.54
CA LYS A 18 -5.38 -2.51 0.66
C LYS A 18 -3.88 -2.84 0.64
N PHE A 19 -3.01 -1.84 0.68
CA PHE A 19 -1.55 -2.03 0.83
C PHE A 19 -1.22 -2.79 2.11
N VAL A 20 -1.95 -2.50 3.19
CA VAL A 20 -1.81 -3.12 4.52
C VAL A 20 -2.15 -4.62 4.49
N GLU A 21 -2.84 -5.11 3.45
CA GLU A 21 -3.13 -6.52 3.24
C GLU A 21 -1.96 -7.28 2.65
N GLY A 22 -1.39 -6.75 1.58
CA GLY A 22 -0.27 -7.36 0.85
C GLY A 22 0.93 -7.63 1.75
N LEU A 23 1.05 -6.94 2.88
CA LEU A 23 2.09 -7.19 3.89
C LEU A 23 1.98 -8.61 4.48
N ALA A 24 0.76 -9.10 4.61
CA ALA A 24 0.40 -10.43 5.08
C ALA A 24 0.28 -11.49 3.95
N LEU A 25 0.40 -11.09 2.67
CA LEU A 25 0.36 -12.01 1.51
C LEU A 25 1.77 -12.28 0.95
N PHE A 26 2.48 -11.20 0.64
CA PHE A 26 3.76 -11.21 -0.06
C PHE A 26 4.98 -11.15 0.88
N HIS A 27 4.77 -10.63 2.10
CA HIS A 27 5.76 -10.51 3.19
C HIS A 27 7.03 -9.74 2.81
N LYS A 28 6.96 -8.40 2.91
CA LYS A 28 8.09 -7.46 2.81
C LYS A 28 8.67 -7.35 1.40
N ASP A 29 7.78 -7.16 0.42
CA ASP A 29 8.05 -7.24 -1.01
C ASP A 29 7.05 -6.35 -1.79
N TRP A 30 7.42 -5.09 -2.00
CA TRP A 30 6.52 -4.10 -2.58
C TRP A 30 6.20 -4.40 -4.06
N LYS A 31 7.07 -5.18 -4.72
CA LYS A 31 7.01 -5.63 -6.11
C LYS A 31 5.82 -6.57 -6.41
N LYS A 32 5.05 -6.93 -5.39
CA LYS A 32 3.79 -7.68 -5.51
C LYS A 32 2.57 -6.88 -5.06
N ILE A 33 2.74 -5.98 -4.08
CA ILE A 33 1.66 -5.10 -3.57
C ILE A 33 0.95 -4.33 -4.68
N LYS A 34 1.68 -3.87 -5.70
CA LYS A 34 1.09 -3.17 -6.86
C LYS A 34 -0.04 -3.94 -7.55
N GLU A 35 0.06 -5.27 -7.56
CA GLU A 35 -0.93 -6.18 -8.16
C GLU A 35 -2.20 -6.34 -7.31
N TYR A 36 -2.13 -6.08 -6.01
CA TYR A 36 -3.27 -6.29 -5.10
C TYR A 36 -4.25 -5.13 -5.23
N ILE A 37 -3.70 -3.91 -5.13
CA ILE A 37 -4.43 -2.66 -5.37
C ILE A 37 -4.87 -2.56 -6.84
N GLY A 38 -3.97 -2.91 -7.77
CA GLY A 38 -4.24 -3.05 -9.20
C GLY A 38 -3.56 -1.99 -10.07
N THR A 39 -2.61 -2.44 -10.89
CA THR A 39 -1.92 -1.70 -11.97
C THR A 39 -1.19 -0.41 -11.55
N LYS A 40 -0.79 -0.33 -10.27
CA LYS A 40 -0.06 0.81 -9.71
C LYS A 40 1.46 0.70 -9.93
N THR A 41 2.19 1.80 -9.79
CA THR A 41 3.67 1.76 -9.70
C THR A 41 4.10 1.47 -8.26
N VAL A 42 5.19 0.73 -8.05
CA VAL A 42 5.76 0.51 -6.70
C VAL A 42 6.32 1.82 -6.08
N VAL A 43 6.60 2.85 -6.90
CA VAL A 43 7.18 4.14 -6.45
C VAL A 43 6.38 4.78 -5.29
N GLN A 44 5.06 4.97 -5.41
CA GLN A 44 4.25 5.52 -4.31
C GLN A 44 4.01 4.49 -3.19
N ILE A 45 3.97 3.21 -3.55
CA ILE A 45 3.74 2.10 -2.62
C ILE A 45 4.88 2.02 -1.60
N ARG A 46 6.13 2.20 -2.04
CA ARG A 46 7.32 2.11 -1.17
C ARG A 46 7.27 3.12 -0.02
N SER A 47 6.87 4.34 -0.35
CA SER A 47 6.68 5.42 0.64
C SER A 47 5.67 5.03 1.72
N HIS A 48 4.47 4.60 1.32
CA HIS A 48 3.41 4.17 2.24
C HIS A 48 3.77 2.88 3.00
N ALA A 49 4.41 1.92 2.35
CA ALA A 49 4.80 0.63 2.93
C ALA A 49 5.96 0.72 3.95
N GLN A 50 6.60 1.86 4.07
CA GLN A 50 7.48 2.20 5.18
C GLN A 50 6.70 2.71 6.40
N LYS A 51 5.53 3.35 6.20
CA LYS A 51 4.75 3.99 7.26
C LYS A 51 4.02 3.02 8.17
N TYR A 52 3.51 1.88 7.64
CA TYR A 52 2.88 0.88 8.51
C TYR A 52 3.83 0.44 9.64
N PHE A 53 5.13 0.35 9.37
CA PHE A 53 6.15 -0.12 10.31
C PHE A 53 6.34 0.86 11.48
N LEU A 54 6.02 2.15 11.29
CA LEU A 54 6.03 3.19 12.34
C LEU A 54 4.84 3.05 13.31
N LYS A 55 3.69 2.55 12.85
CA LYS A 55 2.51 2.24 13.68
C LYS A 55 2.56 0.84 14.29
N LEU A 56 3.25 -0.12 13.65
CA LEU A 56 3.43 -1.49 14.16
C LEU A 56 4.37 -1.53 15.37
N ASN A 57 3.84 -1.92 16.53
CA ASN A 57 4.64 -2.12 17.75
C ASN A 57 5.65 -3.27 17.58
N LYS A 58 6.88 -3.06 18.06
CA LYS A 58 8.01 -4.00 17.92
C LYS A 58 7.80 -5.34 18.64
N THR A 59 8.35 -6.39 18.07
CA THR A 59 8.25 -7.80 18.48
C THR A 59 9.34 -8.20 19.49
N ALA A 60 9.07 -9.25 20.29
CA ALA A 60 10.06 -9.88 21.17
C ALA A 60 11.07 -10.76 20.42
N GLY A 1 -7.72 -15.86 -12.72
CA GLY A 1 -7.97 -14.44 -12.99
C GLY A 1 -7.07 -13.56 -12.14
N PRO A 2 -6.80 -12.30 -12.55
CA PRO A 2 -5.79 -11.43 -11.95
C PRO A 2 -5.90 -11.17 -10.44
N LEU A 3 -4.74 -10.88 -9.83
CA LEU A 3 -4.59 -10.48 -8.42
C LEU A 3 -5.02 -9.02 -8.18
N GLY A 4 -5.75 -8.77 -7.09
CA GLY A 4 -6.12 -7.44 -6.63
C GLY A 4 -7.43 -6.88 -7.16
N SER A 5 -7.75 -5.66 -6.75
CA SER A 5 -8.93 -4.89 -7.17
C SER A 5 -8.62 -3.39 -7.11
N LYS A 6 -9.39 -2.56 -7.82
CA LYS A 6 -9.15 -1.11 -7.91
C LYS A 6 -10.40 -0.24 -7.77
N LYS A 7 -10.18 0.97 -7.24
CA LYS A 7 -11.16 2.06 -7.04
C LYS A 7 -10.58 3.46 -7.31
N ARG A 8 -9.24 3.63 -7.30
CA ARG A 8 -8.57 4.92 -7.55
C ARG A 8 -7.19 4.72 -8.17
N GLU A 9 -6.82 5.63 -9.08
CA GLU A 9 -5.53 5.68 -9.76
C GLU A 9 -4.37 6.26 -8.90
N VAL A 10 -4.63 6.69 -7.66
CA VAL A 10 -3.70 7.34 -6.71
C VAL A 10 -4.05 6.94 -5.25
N TRP A 11 -3.15 7.15 -4.29
CA TRP A 11 -3.38 6.83 -2.88
C TRP A 11 -4.59 7.56 -2.27
N THR A 12 -5.31 6.87 -1.38
CA THR A 12 -6.46 7.39 -0.60
C THR A 12 -6.47 6.81 0.82
N ASP A 13 -7.20 7.43 1.76
CA ASP A 13 -7.36 6.89 3.13
C ASP A 13 -8.28 5.65 3.21
N ALA A 14 -8.85 5.19 2.09
CA ALA A 14 -9.52 3.90 1.95
C ALA A 14 -8.65 2.87 1.23
N GLU A 15 -7.67 3.30 0.45
CA GLU A 15 -6.76 2.43 -0.30
C GLU A 15 -5.58 1.99 0.57
N HIS A 16 -5.18 2.79 1.56
CA HIS A 16 -4.12 2.42 2.52
C HIS A 16 -4.40 1.04 3.13
N ALA A 17 -5.68 0.77 3.41
CA ALA A 17 -6.17 -0.48 3.97
C ALA A 17 -5.84 -1.72 3.11
N LYS A 18 -5.66 -1.56 1.79
CA LYS A 18 -5.29 -2.58 0.80
C LYS A 18 -3.80 -2.92 0.88
N PHE A 19 -2.97 -1.89 0.97
CA PHE A 19 -1.51 -2.04 1.10
C PHE A 19 -1.17 -2.88 2.34
N VAL A 20 -1.91 -2.64 3.41
CA VAL A 20 -1.77 -3.34 4.70
C VAL A 20 -2.14 -4.84 4.59
N GLU A 21 -2.93 -5.26 3.59
CA GLU A 21 -3.23 -6.67 3.34
C GLU A 21 -2.05 -7.39 2.69
N GLY A 22 -1.45 -6.79 1.65
CA GLY A 22 -0.31 -7.38 0.95
C GLY A 22 0.87 -7.70 1.87
N LEU A 23 0.96 -7.06 3.04
CA LEU A 23 2.01 -7.38 4.03
C LEU A 23 1.82 -8.78 4.66
N ALA A 24 0.57 -9.25 4.73
CA ALA A 24 0.19 -10.60 5.16
C ALA A 24 0.18 -11.64 4.01
N LEU A 25 0.08 -11.20 2.75
CA LEU A 25 0.06 -12.10 1.57
C LEU A 25 1.48 -12.40 1.07
N PHE A 26 2.23 -11.33 0.76
CA PHE A 26 3.55 -11.37 0.13
C PHE A 26 4.71 -11.31 1.14
N HIS A 27 4.49 -10.64 2.28
CA HIS A 27 5.48 -10.25 3.29
C HIS A 27 6.73 -9.51 2.75
N LYS A 28 6.74 -8.19 2.96
CA LYS A 28 7.87 -7.26 2.73
C LYS A 28 8.44 -7.36 1.31
N ASP A 29 7.58 -7.16 0.31
CA ASP A 29 7.86 -7.42 -1.09
C ASP A 29 6.99 -6.51 -1.97
N TRP A 30 7.40 -5.26 -2.13
CA TRP A 30 6.60 -4.22 -2.75
C TRP A 30 6.33 -4.51 -4.24
N LYS A 31 7.26 -5.25 -4.88
CA LYS A 31 7.14 -5.82 -6.24
C LYS A 31 5.93 -6.74 -6.46
N LYS A 32 5.13 -7.06 -5.42
CA LYS A 32 3.83 -7.75 -5.56
C LYS A 32 2.65 -6.87 -5.13
N ILE A 33 2.85 -5.96 -4.17
CA ILE A 33 1.79 -5.06 -3.68
C ILE A 33 1.16 -4.23 -4.81
N LYS A 34 1.97 -3.82 -5.79
CA LYS A 34 1.49 -3.01 -6.92
C LYS A 34 0.39 -3.66 -7.76
N GLU A 35 0.33 -4.99 -7.76
CA GLU A 35 -0.79 -5.74 -8.36
C GLU A 35 -2.07 -5.66 -7.53
N TYR A 36 -1.96 -5.72 -6.20
CA TYR A 36 -3.10 -5.87 -5.28
C TYR A 36 -4.02 -4.64 -5.25
N ILE A 37 -3.38 -3.48 -5.26
CA ILE A 37 -3.99 -2.15 -5.32
C ILE A 37 -4.48 -1.76 -6.74
N GLY A 38 -3.99 -2.42 -7.80
CA GLY A 38 -4.54 -2.28 -9.16
C GLY A 38 -3.52 -2.14 -10.30
N THR A 39 -2.51 -3.01 -10.34
CA THR A 39 -1.45 -3.06 -11.39
C THR A 39 -0.76 -1.69 -11.65
N LYS A 40 -0.51 -0.93 -10.59
CA LYS A 40 0.28 0.32 -10.61
C LYS A 40 1.80 0.06 -10.60
N THR A 41 2.63 1.11 -10.55
CA THR A 41 4.08 1.02 -10.27
C THR A 41 4.33 1.04 -8.75
N VAL A 42 5.46 0.49 -8.28
CA VAL A 42 5.84 0.44 -6.84
C VAL A 42 6.23 1.81 -6.25
N VAL A 43 6.55 2.81 -7.07
CA VAL A 43 7.16 4.09 -6.65
C VAL A 43 6.46 4.81 -5.49
N GLN A 44 5.13 4.87 -5.45
CA GLN A 44 4.31 5.49 -4.38
C GLN A 44 4.03 4.51 -3.23
N ILE A 45 3.97 3.22 -3.54
CA ILE A 45 3.83 2.14 -2.54
C ILE A 45 5.05 2.08 -1.63
N ARG A 46 6.23 2.41 -2.15
CA ARG A 46 7.52 2.36 -1.45
C ARG A 46 7.54 3.17 -0.15
N SER A 47 7.10 4.42 -0.22
CA SER A 47 7.02 5.31 0.97
C SER A 47 5.81 5.00 1.86
N HIS A 48 4.67 4.62 1.26
CA HIS A 48 3.45 4.27 2.00
C HIS A 48 3.64 3.01 2.83
N ALA A 49 4.38 2.01 2.32
CA ALA A 49 4.75 0.83 3.09
C ALA A 49 5.42 1.19 4.41
N GLN A 50 6.54 1.90 4.39
CA GLN A 50 7.24 2.38 5.60
C GLN A 50 6.36 3.12 6.64
N LYS A 51 5.16 3.60 6.30
CA LYS A 51 4.18 4.14 7.26
C LYS A 51 3.64 3.06 8.20
N TYR A 52 3.43 1.81 7.74
CA TYR A 52 3.03 0.70 8.63
C TYR A 52 4.06 0.55 9.77
N PHE A 53 5.35 0.63 9.41
CA PHE A 53 6.49 0.40 10.31
C PHE A 53 6.62 1.50 11.40
N LEU A 54 6.10 2.70 11.14
CA LEU A 54 5.98 3.79 12.12
C LEU A 54 4.76 3.61 13.05
N LYS A 55 3.66 3.06 12.55
CA LYS A 55 2.38 2.92 13.30
C LYS A 55 2.35 1.74 14.27
N LEU A 56 3.03 0.63 13.96
CA LEU A 56 3.15 -0.54 14.85
C LEU A 56 3.69 -0.18 16.25
N ASN A 57 3.20 -0.84 17.30
CA ASN A 57 3.59 -0.56 18.69
C ASN A 57 3.37 -1.76 19.66
N LYS A 58 4.22 -1.87 20.69
CA LYS A 58 4.08 -2.86 21.80
C LYS A 58 2.84 -2.60 22.68
N THR A 59 2.41 -3.61 23.45
CA THR A 59 1.27 -3.43 24.37
C THR A 59 1.65 -2.54 25.57
N ALA A 60 0.90 -1.46 25.74
CA ALA A 60 1.06 -0.46 26.80
C ALA A 60 0.70 -1.00 28.19
N GLY A 1 -7.82 7.66 -16.79
CA GLY A 1 -8.37 6.29 -16.76
C GLY A 1 -9.76 6.26 -17.37
N PRO A 2 -9.94 5.72 -18.59
CA PRO A 2 -11.20 5.79 -19.34
C PRO A 2 -12.43 5.18 -18.65
N LEU A 3 -12.24 4.13 -17.84
CA LEU A 3 -13.29 3.40 -17.10
C LEU A 3 -12.91 3.25 -15.62
N GLY A 4 -13.89 3.24 -14.72
CA GLY A 4 -13.67 3.32 -13.26
C GLY A 4 -13.00 4.64 -12.83
N SER A 5 -13.19 5.71 -13.61
CA SER A 5 -12.45 7.00 -13.52
C SER A 5 -12.51 7.70 -12.16
N LYS A 6 -13.50 7.40 -11.32
CA LYS A 6 -13.61 7.91 -9.94
C LYS A 6 -12.54 7.36 -8.99
N LYS A 7 -11.86 6.27 -9.35
CA LYS A 7 -10.68 5.76 -8.63
C LYS A 7 -9.44 6.59 -8.97
N ARG A 8 -8.63 6.94 -7.96
CA ARG A 8 -7.49 7.87 -8.08
C ARG A 8 -6.15 7.17 -8.38
N GLU A 9 -5.19 7.93 -8.89
CA GLU A 9 -3.79 7.49 -9.03
C GLU A 9 -3.00 7.75 -7.74
N VAL A 10 -3.24 8.90 -7.10
CA VAL A 10 -2.69 9.32 -5.80
C VAL A 10 -3.28 8.46 -4.66
N TRP A 11 -2.50 8.19 -3.61
CA TRP A 11 -2.94 7.41 -2.45
C TRP A 11 -4.19 7.99 -1.77
N THR A 12 -5.04 7.08 -1.26
CA THR A 12 -6.30 7.38 -0.53
C THR A 12 -6.39 6.52 0.73
N ASP A 13 -7.31 6.80 1.65
CA ASP A 13 -7.51 5.97 2.85
C ASP A 13 -8.01 4.56 2.51
N ALA A 14 -9.01 4.44 1.63
CA ALA A 14 -9.53 3.15 1.17
C ALA A 14 -8.52 2.38 0.30
N GLU A 15 -7.50 3.04 -0.26
CA GLU A 15 -6.41 2.37 -0.94
C GLU A 15 -5.34 1.91 0.06
N HIS A 16 -5.02 2.73 1.09
CA HIS A 16 -4.09 2.31 2.15
C HIS A 16 -4.58 1.03 2.85
N ALA A 17 -5.89 0.96 3.10
CA ALA A 17 -6.60 -0.20 3.63
C ALA A 17 -6.46 -1.49 2.79
N LYS A 18 -5.92 -1.42 1.56
CA LYS A 18 -5.54 -2.58 0.75
C LYS A 18 -4.02 -2.87 0.82
N PHE A 19 -3.15 -1.85 0.91
CA PHE A 19 -1.68 -2.05 0.99
C PHE A 19 -1.32 -2.86 2.23
N VAL A 20 -2.02 -2.58 3.32
CA VAL A 20 -1.83 -3.23 4.63
C VAL A 20 -2.21 -4.71 4.63
N GLU A 21 -2.91 -5.20 3.60
CA GLU A 21 -3.26 -6.60 3.38
C GLU A 21 -2.13 -7.34 2.66
N GLY A 22 -1.59 -6.78 1.57
CA GLY A 22 -0.47 -7.37 0.84
C GLY A 22 0.76 -7.65 1.72
N LEU A 23 0.88 -7.01 2.89
CA LEU A 23 1.93 -7.33 3.85
C LEU A 23 1.79 -8.79 4.34
N ALA A 24 0.57 -9.26 4.60
CA ALA A 24 0.25 -10.63 5.00
C ALA A 24 0.35 -11.66 3.85
N LEU A 25 0.20 -11.22 2.59
CA LEU A 25 0.21 -12.08 1.39
C LEU A 25 1.64 -12.30 0.87
N PHE A 26 2.33 -11.19 0.61
CA PHE A 26 3.62 -11.13 -0.07
C PHE A 26 4.82 -11.06 0.89
N HIS A 27 4.58 -10.56 2.11
CA HIS A 27 5.58 -10.44 3.18
C HIS A 27 6.78 -9.56 2.81
N LYS A 28 6.62 -8.23 3.00
CA LYS A 28 7.68 -7.21 2.83
C LYS A 28 8.28 -7.22 1.42
N ASP A 29 7.41 -7.02 0.42
CA ASP A 29 7.72 -7.23 -1.00
C ASP A 29 6.77 -6.37 -1.86
N TRP A 30 7.17 -5.12 -2.06
CA TRP A 30 6.33 -4.09 -2.68
C TRP A 30 6.08 -4.40 -4.17
N LYS A 31 7.02 -5.14 -4.77
CA LYS A 31 6.93 -5.75 -6.11
C LYS A 31 5.74 -6.70 -6.30
N LYS A 32 4.93 -6.96 -5.27
CA LYS A 32 3.67 -7.69 -5.38
C LYS A 32 2.47 -6.87 -4.90
N ILE A 33 2.65 -5.96 -3.94
CA ILE A 33 1.56 -5.06 -3.50
C ILE A 33 0.94 -4.28 -4.66
N LYS A 34 1.76 -3.87 -5.64
CA LYS A 34 1.27 -3.13 -6.81
C LYS A 34 0.22 -3.88 -7.63
N GLU A 35 0.24 -5.21 -7.60
CA GLU A 35 -0.80 -6.08 -8.17
C GLU A 35 -2.14 -5.89 -7.45
N TYR A 36 -2.11 -5.94 -6.11
CA TYR A 36 -3.30 -6.01 -5.26
C TYR A 36 -4.05 -4.68 -5.23
N ILE A 37 -3.26 -3.60 -5.17
CA ILE A 37 -3.67 -2.22 -5.34
C ILE A 37 -4.18 -1.89 -6.77
N GLY A 38 -3.91 -2.75 -7.75
CA GLY A 38 -4.50 -2.71 -9.10
C GLY A 38 -3.52 -2.57 -10.27
N THR A 39 -2.47 -3.40 -10.30
CA THR A 39 -1.41 -3.42 -11.35
C THR A 39 -0.70 -2.05 -11.52
N LYS A 40 -0.50 -1.32 -10.41
CA LYS A 40 0.10 0.02 -10.34
C LYS A 40 1.63 0.01 -10.42
N THR A 41 2.31 1.15 -10.37
CA THR A 41 3.77 1.23 -10.14
C THR A 41 4.11 1.04 -8.65
N VAL A 42 5.38 0.79 -8.30
CA VAL A 42 5.82 0.55 -6.90
C VAL A 42 6.32 1.83 -6.18
N VAL A 43 6.71 2.89 -6.91
CA VAL A 43 7.37 4.09 -6.33
C VAL A 43 6.61 4.69 -5.12
N GLN A 44 5.33 4.98 -5.31
CA GLN A 44 4.39 5.46 -4.28
C GLN A 44 4.14 4.43 -3.17
N ILE A 45 4.15 3.13 -3.48
CA ILE A 45 3.99 2.07 -2.49
C ILE A 45 5.18 2.01 -1.54
N ARG A 46 6.39 2.26 -2.03
CA ARG A 46 7.62 2.19 -1.23
C ARG A 46 7.57 3.12 -0.01
N SER A 47 7.25 4.38 -0.26
CA SER A 47 7.18 5.43 0.77
C SER A 47 5.98 5.27 1.71
N HIS A 48 4.86 4.72 1.23
CA HIS A 48 3.68 4.44 2.03
C HIS A 48 3.81 3.18 2.89
N ALA A 49 4.44 2.12 2.37
CA ALA A 49 4.73 0.90 3.12
C ALA A 49 5.43 1.23 4.44
N GLN A 50 6.56 1.92 4.38
CA GLN A 50 7.29 2.44 5.54
C GLN A 50 6.43 3.14 6.64
N LYS A 51 5.22 3.65 6.32
CA LYS A 51 4.27 4.17 7.31
C LYS A 51 3.66 3.07 8.20
N TYR A 52 3.41 1.86 7.70
CA TYR A 52 2.98 0.75 8.57
C TYR A 52 4.04 0.51 9.67
N PHE A 53 5.32 0.53 9.30
CA PHE A 53 6.43 0.18 10.17
C PHE A 53 6.64 1.17 11.33
N LEU A 54 6.58 2.48 11.06
CA LEU A 54 6.74 3.50 12.11
C LEU A 54 5.55 3.59 13.09
N LYS A 55 4.43 2.90 12.79
CA LYS A 55 3.29 2.71 13.69
C LYS A 55 3.55 1.64 14.77
N LEU A 56 4.41 0.65 14.50
CA LEU A 56 4.67 -0.49 15.37
C LEU A 56 5.21 -0.06 16.75
N ASN A 57 4.62 -0.58 17.83
CA ASN A 57 5.02 -0.30 19.22
C ASN A 57 5.04 1.20 19.59
N LYS A 58 4.20 2.04 18.97
CA LYS A 58 4.07 3.48 19.29
C LYS A 58 3.44 3.73 20.67
N THR A 59 2.60 2.81 21.14
CA THR A 59 1.80 2.96 22.37
C THR A 59 2.66 2.89 23.63
N ALA A 60 2.45 3.86 24.53
CA ALA A 60 3.23 4.05 25.76
C ALA A 60 3.07 2.91 26.79
N GLY A 1 -11.11 12.37 3.68
CA GLY A 1 -12.11 11.36 4.05
C GLY A 1 -11.99 10.13 3.18
N PRO A 2 -12.27 8.94 3.73
CA PRO A 2 -12.13 7.66 3.03
C PRO A 2 -13.25 7.43 2.00
N LEU A 3 -14.49 7.83 2.34
CA LEU A 3 -15.71 7.62 1.56
C LEU A 3 -15.63 8.20 0.13
N GLY A 4 -16.25 7.51 -0.82
CA GLY A 4 -16.20 7.88 -2.24
C GLY A 4 -14.77 7.89 -2.80
N SER A 5 -13.99 6.84 -2.53
CA SER A 5 -12.59 6.73 -2.95
C SER A 5 -12.44 6.60 -4.47
N LYS A 6 -11.47 7.31 -5.07
CA LYS A 6 -11.08 7.11 -6.49
C LYS A 6 -9.61 7.45 -6.75
N LYS A 7 -8.94 6.64 -7.58
CA LYS A 7 -7.53 6.81 -8.01
C LYS A 7 -7.17 5.96 -9.23
N ARG A 8 -6.02 6.26 -9.86
CA ARG A 8 -5.36 5.43 -10.87
C ARG A 8 -3.98 4.94 -10.42
N GLU A 9 -3.12 5.85 -9.96
CA GLU A 9 -1.76 5.57 -9.48
C GLU A 9 -1.48 6.12 -8.06
N VAL A 10 -2.12 7.23 -7.66
CA VAL A 10 -1.93 7.88 -6.35
C VAL A 10 -2.70 7.18 -5.21
N TRP A 11 -2.32 7.46 -3.97
CA TRP A 11 -3.00 6.93 -2.78
C TRP A 11 -4.29 7.67 -2.38
N THR A 12 -5.13 6.98 -1.60
CA THR A 12 -6.30 7.54 -0.88
C THR A 12 -6.35 7.00 0.55
N ASP A 13 -7.03 7.69 1.47
CA ASP A 13 -7.18 7.25 2.87
C ASP A 13 -8.07 6.00 3.06
N ALA A 14 -8.69 5.47 1.99
CA ALA A 14 -9.34 4.16 1.98
C ALA A 14 -8.54 3.10 1.20
N GLU A 15 -7.65 3.53 0.29
CA GLU A 15 -6.88 2.64 -0.57
C GLU A 15 -5.64 2.11 0.15
N HIS A 16 -5.06 2.92 1.05
CA HIS A 16 -3.90 2.55 1.85
C HIS A 16 -4.13 1.23 2.61
N ALA A 17 -5.37 1.03 3.08
CA ALA A 17 -5.81 -0.17 3.77
C ALA A 17 -5.55 -1.46 2.95
N LYS A 18 -5.53 -1.40 1.62
CA LYS A 18 -5.20 -2.53 0.74
C LYS A 18 -3.70 -2.85 0.70
N PHE A 19 -2.85 -1.83 0.76
CA PHE A 19 -1.39 -1.99 0.90
C PHE A 19 -1.06 -2.76 2.18
N VAL A 20 -1.82 -2.48 3.24
CA VAL A 20 -1.69 -3.10 4.58
C VAL A 20 -2.09 -4.60 4.57
N GLU A 21 -2.74 -5.09 3.51
CA GLU A 21 -3.06 -6.51 3.31
C GLU A 21 -1.92 -7.26 2.65
N GLY A 22 -1.34 -6.72 1.56
CA GLY A 22 -0.21 -7.33 0.87
C GLY A 22 0.99 -7.62 1.80
N LEU A 23 1.09 -6.93 2.93
CA LEU A 23 2.12 -7.21 3.95
C LEU A 23 1.97 -8.61 4.58
N ALA A 24 0.74 -9.11 4.66
CA ALA A 24 0.38 -10.44 5.16
C ALA A 24 0.31 -11.53 4.07
N LEU A 25 0.29 -11.15 2.78
CA LEU A 25 0.25 -12.09 1.63
C LEU A 25 1.65 -12.38 1.10
N PHE A 26 2.39 -11.31 0.82
CA PHE A 26 3.71 -11.33 0.18
C PHE A 26 4.87 -11.29 1.19
N HIS A 27 4.67 -10.67 2.36
CA HIS A 27 5.71 -10.48 3.40
C HIS A 27 6.98 -9.77 2.88
N LYS A 28 6.96 -8.44 2.90
CA LYS A 28 8.06 -7.55 2.53
C LYS A 28 8.50 -7.77 1.08
N ASP A 29 7.62 -7.34 0.18
CA ASP A 29 7.75 -7.48 -1.28
C ASP A 29 6.81 -6.48 -2.00
N TRP A 30 7.24 -5.23 -2.12
CA TRP A 30 6.42 -4.15 -2.68
C TRP A 30 6.14 -4.38 -4.17
N LYS A 31 7.10 -5.02 -4.85
CA LYS A 31 7.05 -5.55 -6.22
C LYS A 31 5.94 -6.60 -6.46
N LYS A 32 5.15 -6.96 -5.44
CA LYS A 32 3.89 -7.72 -5.56
C LYS A 32 2.68 -6.86 -5.22
N ILE A 33 2.80 -5.95 -4.26
CA ILE A 33 1.70 -5.10 -3.77
C ILE A 33 1.02 -4.30 -4.90
N LYS A 34 1.76 -3.88 -5.92
CA LYS A 34 1.17 -3.19 -7.09
C LYS A 34 0.09 -3.98 -7.83
N GLU A 35 0.13 -5.32 -7.76
CA GLU A 35 -0.89 -6.22 -8.32
C GLU A 35 -2.14 -6.35 -7.45
N TYR A 36 -2.05 -6.08 -6.15
CA TYR A 36 -3.18 -6.21 -5.24
C TYR A 36 -4.08 -4.99 -5.33
N ILE A 37 -3.46 -3.81 -5.27
CA ILE A 37 -4.14 -2.52 -5.47
C ILE A 37 -4.51 -2.30 -6.95
N GLY A 38 -3.63 -2.71 -7.89
CA GLY A 38 -3.82 -2.54 -9.34
C GLY A 38 -3.16 -1.30 -9.97
N THR A 39 -2.33 -0.56 -9.23
CA THR A 39 -1.61 0.63 -9.74
C THR A 39 -0.61 0.30 -10.85
N LYS A 40 -0.05 -0.92 -10.85
CA LYS A 40 1.10 -1.35 -11.69
C LYS A 40 2.41 -0.57 -11.46
N THR A 41 2.47 0.31 -10.47
CA THR A 41 3.68 1.04 -10.04
C THR A 41 3.86 1.05 -8.53
N VAL A 42 5.09 0.76 -8.10
CA VAL A 42 5.53 0.62 -6.70
C VAL A 42 6.02 1.94 -6.10
N VAL A 43 6.29 2.99 -6.88
CA VAL A 43 6.97 4.22 -6.39
C VAL A 43 6.29 4.85 -5.16
N GLN A 44 4.97 5.06 -5.23
CA GLN A 44 4.13 5.55 -4.12
C GLN A 44 3.93 4.48 -3.03
N ILE A 45 3.88 3.21 -3.43
CA ILE A 45 3.72 2.06 -2.52
C ILE A 45 4.91 1.94 -1.58
N ARG A 46 6.13 2.18 -2.08
CA ARG A 46 7.39 2.14 -1.30
C ARG A 46 7.33 3.07 -0.09
N SER A 47 6.92 4.31 -0.35
CA SER A 47 6.84 5.38 0.66
C SER A 47 5.76 5.10 1.71
N HIS A 48 4.59 4.58 1.31
CA HIS A 48 3.53 4.14 2.24
C HIS A 48 3.91 2.86 2.99
N ALA A 49 4.62 1.91 2.36
CA ALA A 49 5.04 0.66 2.99
C ALA A 49 6.15 0.81 4.06
N GLN A 50 6.64 2.02 4.22
CA GLN A 50 7.46 2.48 5.35
C GLN A 50 6.59 3.03 6.51
N LYS A 51 5.39 3.57 6.22
CA LYS A 51 4.46 4.14 7.21
C LYS A 51 3.88 3.09 8.15
N TYR A 52 3.45 1.93 7.64
CA TYR A 52 2.81 0.90 8.49
C TYR A 52 3.70 0.54 9.69
N PHE A 53 5.01 0.49 9.47
CA PHE A 53 6.03 0.11 10.45
C PHE A 53 6.13 1.14 11.59
N LEU A 54 5.83 2.41 11.31
CA LEU A 54 5.78 3.52 12.29
C LEU A 54 4.53 3.48 13.18
N LYS A 55 3.42 2.87 12.71
CA LYS A 55 2.15 2.73 13.45
C LYS A 55 2.14 1.59 14.47
N LEU A 56 3.07 0.64 14.33
CA LEU A 56 3.33 -0.41 15.31
C LEU A 56 3.99 0.18 16.58
N ASN A 57 3.63 -0.36 17.75
CA ASN A 57 4.14 0.09 19.05
C ASN A 57 5.67 -0.15 19.17
N LYS A 58 6.43 0.84 19.64
CA LYS A 58 7.88 0.69 19.92
C LYS A 58 8.16 -0.36 21.00
N THR A 59 7.24 -0.53 21.96
CA THR A 59 7.19 -1.56 23.03
C THR A 59 8.49 -1.67 23.87
N ALA A 60 9.23 -0.56 23.97
CA ALA A 60 10.58 -0.45 24.53
C ALA A 60 10.67 -0.57 26.05
N GLY A 1 -2.30 11.54 3.80
CA GLY A 1 -1.07 10.76 3.60
C GLY A 1 0.03 11.60 2.98
N PRO A 2 0.99 10.96 2.28
CA PRO A 2 2.22 11.63 1.79
C PRO A 2 2.03 12.73 0.73
N LEU A 3 0.86 12.79 0.07
CA LEU A 3 0.51 13.74 -0.99
C LEU A 3 -0.97 14.14 -0.93
N GLY A 4 -1.30 15.28 -1.58
CA GLY A 4 -2.67 15.77 -1.80
C GLY A 4 -2.98 16.02 -3.29
N SER A 5 -4.27 16.06 -3.64
CA SER A 5 -4.79 16.32 -5.00
C SER A 5 -6.29 16.64 -4.95
N LYS A 6 -6.82 17.37 -5.95
CA LYS A 6 -8.28 17.56 -6.14
C LYS A 6 -9.00 16.31 -6.67
N LYS A 7 -8.26 15.24 -7.02
CA LYS A 7 -8.77 13.96 -7.51
C LYS A 7 -8.29 12.79 -6.64
N ARG A 8 -8.80 11.57 -6.85
CA ARG A 8 -8.35 10.33 -6.17
C ARG A 8 -7.01 9.81 -6.70
N GLU A 9 -6.20 10.70 -7.28
CA GLU A 9 -4.97 10.42 -8.04
C GLU A 9 -3.77 10.03 -7.15
N VAL A 10 -3.86 10.28 -5.85
CA VAL A 10 -2.84 10.01 -4.81
C VAL A 10 -3.39 9.08 -3.73
N TRP A 11 -2.56 8.64 -2.77
CA TRP A 11 -2.99 7.81 -1.65
C TRP A 11 -4.18 8.38 -0.85
N THR A 12 -5.05 7.48 -0.34
CA THR A 12 -6.25 7.82 0.45
C THR A 12 -6.42 6.94 1.71
N ASP A 13 -7.22 7.41 2.68
CA ASP A 13 -7.61 6.65 3.89
C ASP A 13 -8.64 5.51 3.64
N ALA A 14 -8.69 5.02 2.40
CA ALA A 14 -9.40 3.81 1.97
C ALA A 14 -8.60 2.98 0.94
N GLU A 15 -7.59 3.56 0.29
CA GLU A 15 -6.69 2.85 -0.62
C GLU A 15 -5.52 2.27 0.18
N HIS A 16 -4.99 3.01 1.17
CA HIS A 16 -3.85 2.57 1.99
C HIS A 16 -4.16 1.27 2.74
N ALA A 17 -5.40 1.12 3.20
CA ALA A 17 -5.97 -0.07 3.82
C ALA A 17 -5.92 -1.35 2.94
N LYS A 18 -5.59 -1.23 1.64
CA LYS A 18 -5.34 -2.35 0.71
C LYS A 18 -3.85 -2.73 0.69
N PHE A 19 -2.95 -1.75 0.70
CA PHE A 19 -1.50 -1.95 0.85
C PHE A 19 -1.18 -2.71 2.14
N VAL A 20 -1.91 -2.38 3.21
CA VAL A 20 -1.86 -2.99 4.57
C VAL A 20 -2.23 -4.48 4.57
N GLU A 21 -2.79 -5.00 3.48
CA GLU A 21 -3.12 -6.41 3.29
C GLU A 21 -1.99 -7.18 2.64
N GLY A 22 -1.41 -6.67 1.54
CA GLY A 22 -0.29 -7.31 0.84
C GLY A 22 0.92 -7.58 1.74
N LEU A 23 1.04 -6.87 2.87
CA LEU A 23 2.07 -7.14 3.88
C LEU A 23 1.93 -8.54 4.49
N ALA A 24 0.70 -9.03 4.60
CA ALA A 24 0.32 -10.36 5.08
C ALA A 24 0.24 -11.45 3.97
N LEU A 25 0.36 -11.06 2.69
CA LEU A 25 0.30 -11.96 1.52
C LEU A 25 1.67 -12.23 0.91
N PHE A 26 2.37 -11.14 0.60
CA PHE A 26 3.65 -11.15 -0.11
C PHE A 26 4.87 -11.08 0.83
N HIS A 27 4.66 -10.58 2.05
CA HIS A 27 5.66 -10.46 3.14
C HIS A 27 6.92 -9.66 2.74
N LYS A 28 6.82 -8.32 2.82
CA LYS A 28 7.87 -7.32 2.53
C LYS A 28 8.42 -7.46 1.10
N ASP A 29 7.56 -7.17 0.13
CA ASP A 29 7.78 -7.42 -1.30
C ASP A 29 6.90 -6.44 -2.09
N TRP A 30 7.35 -5.19 -2.21
CA TRP A 30 6.53 -4.13 -2.78
C TRP A 30 6.25 -4.42 -4.27
N LYS A 31 7.16 -5.11 -4.94
CA LYS A 31 7.10 -5.70 -6.30
C LYS A 31 5.96 -6.72 -6.50
N LYS A 32 5.09 -6.90 -5.50
CA LYS A 32 3.81 -7.63 -5.58
C LYS A 32 2.63 -6.77 -5.14
N ILE A 33 2.78 -5.89 -4.14
CA ILE A 33 1.69 -5.05 -3.62
C ILE A 33 0.97 -4.23 -4.69
N LYS A 34 1.72 -3.71 -5.68
CA LYS A 34 1.17 -3.01 -6.85
C LYS A 34 0.06 -3.77 -7.58
N GLU A 35 0.17 -5.10 -7.58
CA GLU A 35 -0.81 -6.01 -8.20
C GLU A 35 -2.10 -6.19 -7.38
N TYR A 36 -2.04 -5.96 -6.05
CA TYR A 36 -3.18 -6.17 -5.14
C TYR A 36 -4.15 -4.99 -5.16
N ILE A 37 -3.58 -3.78 -5.16
CA ILE A 37 -4.30 -2.52 -5.39
C ILE A 37 -4.76 -2.43 -6.86
N GLY A 38 -3.93 -2.86 -7.80
CA GLY A 38 -4.30 -3.04 -9.20
C GLY A 38 -3.53 -2.15 -10.18
N THR A 39 -2.56 -2.75 -10.86
CA THR A 39 -1.86 -2.15 -12.03
C THR A 39 -1.03 -0.88 -11.70
N LYS A 40 -0.70 -0.65 -10.43
CA LYS A 40 0.07 0.53 -9.96
C LYS A 40 1.58 0.37 -10.16
N THR A 41 2.33 1.46 -10.03
CA THR A 41 3.81 1.37 -9.89
C THR A 41 4.16 1.00 -8.44
N VAL A 42 5.41 0.68 -8.15
CA VAL A 42 5.90 0.48 -6.77
C VAL A 42 6.25 1.81 -6.07
N VAL A 43 6.42 2.92 -6.80
CA VAL A 43 6.95 4.20 -6.30
C VAL A 43 6.12 4.79 -5.15
N GLN A 44 4.80 4.90 -5.30
CA GLN A 44 3.90 5.36 -4.23
C GLN A 44 3.84 4.38 -3.05
N ILE A 45 3.91 3.07 -3.34
CA ILE A 45 3.83 2.03 -2.31
C ILE A 45 5.09 1.99 -1.45
N ARG A 46 6.28 2.29 -1.99
CA ARG A 46 7.55 2.33 -1.22
C ARG A 46 7.48 3.34 -0.06
N SER A 47 6.81 4.48 -0.30
CA SER A 47 6.62 5.58 0.63
C SER A 47 5.69 5.20 1.79
N HIS A 48 4.51 4.65 1.50
CA HIS A 48 3.53 4.30 2.53
C HIS A 48 3.85 2.95 3.20
N ALA A 49 4.46 2.01 2.49
CA ALA A 49 4.81 0.70 3.05
C ALA A 49 5.97 0.73 4.07
N GLN A 50 6.60 1.87 4.26
CA GLN A 50 7.48 2.15 5.40
C GLN A 50 6.68 2.69 6.60
N LYS A 51 5.58 3.44 6.36
CA LYS A 51 4.77 4.05 7.42
C LYS A 51 4.00 3.06 8.28
N TYR A 52 3.51 1.94 7.74
CA TYR A 52 2.86 0.93 8.59
C TYR A 52 3.80 0.49 9.74
N PHE A 53 5.09 0.29 9.45
CA PHE A 53 6.07 -0.25 10.39
C PHE A 53 6.39 0.71 11.54
N LEU A 54 6.32 2.03 11.29
CA LEU A 54 6.52 3.06 12.31
C LEU A 54 5.40 3.07 13.37
N LYS A 55 4.19 2.63 12.98
CA LYS A 55 2.99 2.55 13.85
C LYS A 55 2.81 1.18 14.50
N LEU A 56 3.13 0.12 13.76
CA LEU A 56 3.07 -1.29 14.21
C LEU A 56 4.01 -1.58 15.38
N ASN A 57 3.59 -2.46 16.31
CA ASN A 57 4.47 -3.08 17.30
C ASN A 57 3.92 -4.47 17.70
N LYS A 58 4.83 -5.41 18.01
CA LYS A 58 4.56 -6.84 18.27
C LYS A 58 3.54 -7.16 19.37
N THR A 59 3.21 -6.23 20.28
CA THR A 59 2.35 -6.53 21.45
C THR A 59 0.85 -6.58 21.16
N ALA A 60 0.42 -6.00 20.04
CA ALA A 60 -0.93 -6.04 19.45
C ALA A 60 -2.08 -5.63 20.40
N GLY A 1 -2.41 2.83 -13.88
CA GLY A 1 -3.77 3.31 -14.16
C GLY A 1 -4.28 2.78 -15.48
N PRO A 2 -5.55 2.34 -15.57
CA PRO A 2 -6.18 1.94 -16.83
C PRO A 2 -6.25 3.12 -17.80
N LEU A 3 -6.14 2.84 -19.11
CA LEU A 3 -6.05 3.84 -20.18
C LEU A 3 -4.86 4.82 -20.04
N GLY A 4 -3.90 4.54 -19.16
CA GLY A 4 -2.67 5.31 -18.96
C GLY A 4 -2.84 6.71 -18.33
N SER A 5 -4.02 7.05 -17.80
CA SER A 5 -4.36 8.42 -17.39
C SER A 5 -3.53 8.95 -16.22
N LYS A 6 -3.34 8.18 -15.13
CA LYS A 6 -2.51 8.61 -13.99
C LYS A 6 -1.01 8.56 -14.30
N LYS A 7 -0.34 9.71 -14.39
CA LYS A 7 1.14 9.85 -14.45
C LYS A 7 1.79 9.93 -13.06
N ARG A 8 1.00 10.29 -12.04
CA ARG A 8 1.30 10.24 -10.60
C ARG A 8 0.07 9.82 -9.82
N GLU A 9 0.20 9.58 -8.52
CA GLU A 9 -0.90 9.10 -7.66
C GLU A 9 -0.98 9.84 -6.32
N VAL A 10 -2.18 9.95 -5.78
CA VAL A 10 -2.48 10.51 -4.44
C VAL A 10 -3.10 9.42 -3.57
N TRP A 11 -2.39 9.03 -2.50
CA TRP A 11 -2.87 8.06 -1.52
C TRP A 11 -4.09 8.55 -0.73
N THR A 12 -4.90 7.60 -0.24
CA THR A 12 -6.10 7.86 0.58
C THR A 12 -6.17 6.87 1.74
N ASP A 13 -7.01 7.11 2.75
CA ASP A 13 -7.18 6.19 3.90
C ASP A 13 -7.96 4.91 3.53
N ALA A 14 -8.83 5.01 2.52
CA ALA A 14 -9.50 3.85 1.91
C ALA A 14 -8.60 3.06 0.95
N GLU A 15 -7.54 3.66 0.40
CA GLU A 15 -6.58 2.97 -0.48
C GLU A 15 -5.48 2.31 0.37
N HIS A 16 -5.01 2.99 1.44
CA HIS A 16 -3.94 2.46 2.32
C HIS A 16 -4.34 1.12 2.95
N ALA A 17 -5.62 0.99 3.32
CA ALA A 17 -6.19 -0.24 3.83
C ALA A 17 -6.06 -1.45 2.89
N LYS A 18 -5.74 -1.27 1.59
CA LYS A 18 -5.38 -2.36 0.66
C LYS A 18 -3.91 -2.75 0.76
N PHE A 19 -3.00 -1.79 0.82
CA PHE A 19 -1.54 -2.02 0.91
C PHE A 19 -1.19 -2.85 2.14
N VAL A 20 -1.90 -2.58 3.24
CA VAL A 20 -1.73 -3.27 4.53
C VAL A 20 -2.05 -4.77 4.45
N GLU A 21 -2.80 -5.21 3.43
CA GLU A 21 -3.14 -6.62 3.21
C GLU A 21 -2.02 -7.37 2.53
N GLY A 22 -1.40 -6.77 1.51
CA GLY A 22 -0.24 -7.36 0.85
C GLY A 22 0.92 -7.68 1.81
N LEU A 23 0.97 -7.06 3.00
CA LEU A 23 1.95 -7.38 4.06
C LEU A 23 1.67 -8.74 4.73
N ALA A 24 0.47 -9.28 4.58
CA ALA A 24 0.09 -10.64 4.96
C ALA A 24 0.17 -11.65 3.78
N LEU A 25 0.09 -11.18 2.53
CA LEU A 25 0.14 -12.04 1.32
C LEU A 25 1.58 -12.32 0.88
N PHE A 26 2.32 -11.24 0.62
CA PHE A 26 3.70 -11.25 0.10
C PHE A 26 4.76 -11.06 1.20
N HIS A 27 4.33 -10.73 2.41
CA HIS A 27 5.13 -10.46 3.62
C HIS A 27 5.97 -9.17 3.60
N LYS A 28 6.86 -9.02 2.61
CA LYS A 28 7.85 -7.92 2.52
C LYS A 28 8.44 -7.81 1.11
N ASP A 29 7.59 -7.47 0.13
CA ASP A 29 7.96 -7.33 -1.28
C ASP A 29 6.98 -6.40 -1.99
N TRP A 30 7.32 -5.11 -2.08
CA TRP A 30 6.48 -4.10 -2.69
C TRP A 30 6.31 -4.38 -4.19
N LYS A 31 7.28 -5.06 -4.82
CA LYS A 31 7.23 -5.54 -6.20
C LYS A 31 6.05 -6.48 -6.50
N LYS A 32 5.25 -6.87 -5.48
CA LYS A 32 4.00 -7.64 -5.63
C LYS A 32 2.77 -6.86 -5.15
N ILE A 33 2.91 -5.95 -4.17
CA ILE A 33 1.79 -5.12 -3.67
C ILE A 33 1.11 -4.29 -4.76
N LYS A 34 1.86 -3.89 -5.80
CA LYS A 34 1.28 -3.15 -6.95
C LYS A 34 0.15 -3.91 -7.66
N GLU A 35 0.19 -5.25 -7.59
CA GLU A 35 -0.84 -6.17 -8.09
C GLU A 35 -2.12 -6.15 -7.24
N TYR A 36 -1.99 -5.96 -5.93
CA TYR A 36 -3.12 -6.11 -5.01
C TYR A 36 -4.05 -4.90 -5.10
N ILE A 37 -3.43 -3.71 -5.11
CA ILE A 37 -4.09 -2.44 -5.40
C ILE A 37 -4.45 -2.32 -6.91
N GLY A 38 -3.77 -3.04 -7.81
CA GLY A 38 -4.01 -3.00 -9.26
C GLY A 38 -3.47 -1.73 -9.96
N THR A 39 -2.51 -1.04 -9.32
CA THR A 39 -1.96 0.26 -9.77
C THR A 39 -0.75 0.14 -10.70
N LYS A 40 -0.18 -1.07 -10.80
CA LYS A 40 0.97 -1.46 -11.68
C LYS A 40 2.32 -0.78 -11.42
N THR A 41 2.41 0.17 -10.49
CA THR A 41 3.66 0.84 -10.08
C THR A 41 3.94 0.72 -8.57
N VAL A 42 5.22 0.73 -8.19
CA VAL A 42 5.68 0.56 -6.80
C VAL A 42 6.09 1.89 -6.14
N VAL A 43 6.32 2.96 -6.91
CA VAL A 43 6.90 4.23 -6.42
C VAL A 43 6.15 4.86 -5.23
N GLN A 44 4.83 4.89 -5.29
CA GLN A 44 3.92 5.31 -4.22
C GLN A 44 3.87 4.32 -3.05
N ILE A 45 3.86 3.02 -3.34
CA ILE A 45 3.77 1.97 -2.32
C ILE A 45 5.04 1.87 -1.49
N ARG A 46 6.20 2.16 -2.05
CA ARG A 46 7.50 1.99 -1.37
C ARG A 46 7.64 2.88 -0.13
N SER A 47 7.24 4.15 -0.28
CA SER A 47 7.30 5.17 0.79
C SER A 47 6.16 5.03 1.81
N HIS A 48 4.95 4.67 1.35
CA HIS A 48 3.80 4.40 2.23
C HIS A 48 3.91 3.08 2.99
N ALA A 49 4.59 2.06 2.43
CA ALA A 49 4.84 0.79 3.11
C ALA A 49 5.53 1.06 4.46
N GLN A 50 6.66 1.73 4.44
CA GLN A 50 7.39 2.18 5.62
C GLN A 50 6.53 2.89 6.68
N LYS A 51 5.43 3.55 6.29
CA LYS A 51 4.44 4.12 7.23
C LYS A 51 3.79 3.06 8.11
N TYR A 52 3.50 1.84 7.62
CA TYR A 52 2.99 0.76 8.48
C TYR A 52 3.94 0.50 9.67
N PHE A 53 5.25 0.55 9.44
CA PHE A 53 6.27 0.29 10.44
C PHE A 53 6.36 1.44 11.49
N LEU A 54 6.03 2.67 11.10
CA LEU A 54 5.92 3.82 12.00
C LEU A 54 4.60 3.85 12.79
N LYS A 55 3.47 3.39 12.21
CA LYS A 55 2.20 3.16 12.92
C LYS A 55 2.27 1.95 13.86
N LEU A 56 3.10 0.95 13.55
CA LEU A 56 3.41 -0.21 14.39
C LEU A 56 4.19 0.19 15.65
N ASN A 57 4.03 -0.58 16.73
CA ASN A 57 4.54 -0.24 18.06
C ASN A 57 6.07 -0.06 18.11
N LYS A 58 6.51 0.97 18.84
CA LYS A 58 7.92 1.24 19.13
C LYS A 58 8.53 0.14 20.00
N THR A 59 9.83 -0.07 19.90
CA THR A 59 10.58 -1.11 20.65
C THR A 59 10.40 -0.96 22.16
N ALA A 60 10.26 -2.06 22.90
CA ALA A 60 10.04 -2.06 24.36
C ALA A 60 11.28 -1.66 25.17
N GLY A 1 -24.35 -2.80 -7.01
CA GLY A 1 -24.11 -3.48 -8.30
C GLY A 1 -22.68 -4.02 -8.41
N PRO A 2 -22.25 -4.39 -9.63
CA PRO A 2 -21.00 -5.13 -9.87
C PRO A 2 -19.72 -4.28 -9.97
N LEU A 3 -19.77 -2.94 -9.95
CA LEU A 3 -18.59 -2.07 -9.82
C LEU A 3 -18.91 -0.73 -9.12
N GLY A 4 -17.94 -0.26 -8.33
CA GLY A 4 -18.01 0.96 -7.52
C GLY A 4 -17.63 2.25 -8.27
N SER A 5 -17.37 3.32 -7.51
CA SER A 5 -17.00 4.64 -8.03
C SER A 5 -15.61 4.67 -8.69
N LYS A 6 -15.33 5.74 -9.45
CA LYS A 6 -14.06 5.91 -10.18
C LYS A 6 -12.85 5.98 -9.25
N LYS A 7 -11.83 5.17 -9.55
CA LYS A 7 -10.58 5.00 -8.78
C LYS A 7 -9.67 6.23 -8.80
N ARG A 8 -8.71 6.33 -7.88
CA ARG A 8 -7.72 7.42 -7.81
C ARG A 8 -6.28 6.93 -8.00
N GLU A 9 -5.47 7.77 -8.64
CA GLU A 9 -4.02 7.55 -8.85
C GLU A 9 -3.20 7.83 -7.57
N VAL A 10 -3.59 8.86 -6.80
CA VAL A 10 -2.97 9.21 -5.51
C VAL A 10 -3.43 8.30 -4.38
N TRP A 11 -2.58 8.09 -3.38
CA TRP A 11 -2.96 7.40 -2.14
C TRP A 11 -4.09 8.12 -1.37
N THR A 12 -4.98 7.31 -0.79
CA THR A 12 -6.15 7.73 0.02
C THR A 12 -6.47 6.64 1.05
N ASP A 13 -7.14 6.94 2.17
CA ASP A 13 -7.36 5.98 3.28
C ASP A 13 -8.06 4.68 2.87
N ALA A 14 -9.03 4.76 1.94
CA ALA A 14 -9.70 3.58 1.39
C ALA A 14 -8.76 2.71 0.54
N GLU A 15 -7.69 3.29 -0.03
CA GLU A 15 -6.67 2.58 -0.80
C GLU A 15 -5.56 2.05 0.12
N HIS A 16 -5.13 2.85 1.11
CA HIS A 16 -4.08 2.48 2.08
C HIS A 16 -4.43 1.20 2.84
N ALA A 17 -5.71 1.03 3.15
CA ALA A 17 -6.27 -0.15 3.77
C ALA A 17 -5.93 -1.47 3.04
N LYS A 18 -5.69 -1.42 1.71
CA LYS A 18 -5.32 -2.57 0.88
C LYS A 18 -3.80 -2.80 0.79
N PHE A 19 -2.99 -1.75 0.84
CA PHE A 19 -1.52 -1.89 0.95
C PHE A 19 -1.12 -2.69 2.19
N VAL A 20 -1.83 -2.42 3.30
CA VAL A 20 -1.62 -3.07 4.60
C VAL A 20 -1.88 -4.58 4.56
N GLU A 21 -2.61 -5.07 3.56
CA GLU A 21 -2.92 -6.50 3.40
C GLU A 21 -1.85 -7.27 2.66
N GLY A 22 -1.32 -6.74 1.56
CA GLY A 22 -0.23 -7.38 0.83
C GLY A 22 1.01 -7.64 1.69
N LEU A 23 1.15 -6.94 2.82
CA LEU A 23 2.19 -7.21 3.83
C LEU A 23 2.02 -8.62 4.44
N ALA A 24 0.78 -9.06 4.64
CA ALA A 24 0.44 -10.40 5.12
C ALA A 24 0.59 -11.50 4.06
N LEU A 25 0.31 -11.18 2.78
CA LEU A 25 0.23 -12.16 1.67
C LEU A 25 1.61 -12.46 1.08
N PHE A 26 2.29 -11.39 0.67
CA PHE A 26 3.56 -11.41 -0.05
C PHE A 26 4.78 -11.38 0.87
N HIS A 27 4.60 -10.81 2.06
CA HIS A 27 5.63 -10.48 3.06
C HIS A 27 6.82 -9.69 2.50
N LYS A 28 6.81 -8.37 2.69
CA LYS A 28 7.94 -7.44 2.49
C LYS A 28 8.47 -7.50 1.05
N ASP A 29 7.57 -7.27 0.10
CA ASP A 29 7.82 -7.42 -1.34
C ASP A 29 6.92 -6.48 -2.15
N TRP A 30 7.31 -5.21 -2.26
CA TRP A 30 6.46 -4.17 -2.84
C TRP A 30 6.09 -4.45 -4.31
N LYS A 31 6.97 -5.20 -5.01
CA LYS A 31 6.82 -5.78 -6.36
C LYS A 31 5.65 -6.78 -6.53
N LYS A 32 4.84 -7.00 -5.49
CA LYS A 32 3.57 -7.74 -5.56
C LYS A 32 2.39 -6.88 -5.13
N ILE A 33 2.60 -5.96 -4.18
CA ILE A 33 1.55 -5.07 -3.65
C ILE A 33 0.85 -4.26 -4.74
N LYS A 34 1.59 -3.82 -5.77
CA LYS A 34 1.02 -3.15 -6.96
C LYS A 34 -0.15 -3.91 -7.59
N GLU A 35 -0.12 -5.24 -7.57
CA GLU A 35 -1.17 -6.06 -8.20
C GLU A 35 -2.41 -6.24 -7.30
N TYR A 36 -2.29 -6.05 -5.99
CA TYR A 36 -3.39 -6.19 -5.02
C TYR A 36 -4.28 -4.95 -5.00
N ILE A 37 -3.64 -3.79 -5.09
CA ILE A 37 -4.29 -2.48 -5.29
C ILE A 37 -4.76 -2.24 -6.73
N GLY A 38 -4.03 -2.73 -7.75
CA GLY A 38 -4.40 -2.54 -9.16
C GLY A 38 -3.27 -2.88 -10.13
N THR A 39 -2.64 -1.85 -10.71
CA THR A 39 -1.55 -1.94 -11.71
C THR A 39 -0.56 -0.76 -11.60
N LYS A 40 -0.57 -0.04 -10.47
CA LYS A 40 0.34 1.09 -10.15
C LYS A 40 1.82 0.67 -10.20
N THR A 41 2.75 1.61 -10.41
CA THR A 41 4.19 1.32 -10.21
C THR A 41 4.52 1.32 -8.71
N VAL A 42 5.57 0.63 -8.26
CA VAL A 42 5.82 0.49 -6.81
C VAL A 42 6.37 1.75 -6.12
N VAL A 43 6.64 2.84 -6.85
CA VAL A 43 7.33 4.06 -6.33
C VAL A 43 6.62 4.70 -5.11
N GLN A 44 5.33 4.99 -5.22
CA GLN A 44 4.49 5.53 -4.12
C GLN A 44 4.24 4.45 -3.05
N ILE A 45 4.11 3.19 -3.47
CA ILE A 45 3.97 2.04 -2.57
C ILE A 45 5.19 1.92 -1.64
N ARG A 46 6.40 2.14 -2.14
CA ARG A 46 7.68 1.98 -1.42
C ARG A 46 7.82 2.92 -0.22
N SER A 47 7.33 4.15 -0.42
CA SER A 47 7.22 5.25 0.56
C SER A 47 6.09 5.05 1.56
N HIS A 48 4.89 4.69 1.09
CA HIS A 48 3.73 4.44 1.98
C HIS A 48 3.90 3.17 2.81
N ALA A 49 4.56 2.14 2.28
CA ALA A 49 4.86 0.92 3.01
C ALA A 49 5.51 1.24 4.34
N GLN A 50 6.64 1.93 4.34
CA GLN A 50 7.35 2.36 5.55
C GLN A 50 6.48 3.04 6.63
N LYS A 51 5.34 3.66 6.29
CA LYS A 51 4.35 4.19 7.26
C LYS A 51 3.66 3.11 8.10
N TYR A 52 3.47 1.88 7.62
CA TYR A 52 2.90 0.78 8.42
C TYR A 52 3.72 0.52 9.70
N PHE A 53 5.05 0.63 9.61
CA PHE A 53 5.95 0.31 10.73
C PHE A 53 5.82 1.29 11.90
N LEU A 54 5.45 2.55 11.63
CA LEU A 54 5.19 3.55 12.67
C LEU A 54 4.17 3.06 13.73
N LYS A 55 3.13 2.32 13.31
CA LYS A 55 2.15 1.69 14.21
C LYS A 55 2.81 0.63 15.11
N LEU A 56 3.66 -0.24 14.52
CA LEU A 56 4.29 -1.37 15.19
C LEU A 56 5.45 -0.99 16.14
N ASN A 57 6.14 0.12 15.87
CA ASN A 57 7.26 0.60 16.67
C ASN A 57 6.85 0.92 18.13
N LYS A 58 7.72 0.64 19.12
CA LYS A 58 7.49 0.95 20.54
C LYS A 58 7.38 2.47 20.77
N THR A 59 6.27 2.91 21.38
CA THR A 59 5.94 4.35 21.52
C THR A 59 6.89 5.16 22.43
N ALA A 60 7.56 4.51 23.38
CA ALA A 60 8.59 5.05 24.28
C ALA A 60 9.62 3.99 24.72
N GLY A 1 -9.06 -8.95 -10.04
CA GLY A 1 -10.50 -8.89 -9.71
C GLY A 1 -10.98 -7.45 -9.74
N PRO A 2 -11.82 -7.01 -8.78
CA PRO A 2 -12.43 -5.68 -8.76
C PRO A 2 -11.47 -4.52 -8.41
N LEU A 3 -10.24 -4.77 -7.90
CA LEU A 3 -9.29 -3.71 -7.55
C LEU A 3 -8.46 -3.27 -8.76
N GLY A 4 -8.47 -1.96 -9.03
CA GLY A 4 -7.62 -1.28 -10.02
C GLY A 4 -8.20 0.06 -10.51
N SER A 5 -7.50 0.66 -11.49
CA SER A 5 -7.90 1.87 -12.21
C SER A 5 -7.06 2.05 -13.47
N LYS A 6 -7.61 2.64 -14.53
CA LYS A 6 -6.82 3.06 -15.72
C LYS A 6 -5.94 4.29 -15.45
N LYS A 7 -6.26 5.07 -14.40
CA LYS A 7 -5.59 6.31 -14.00
C LYS A 7 -4.59 6.09 -12.86
N ARG A 8 -3.42 6.73 -12.97
CA ARG A 8 -2.37 6.73 -11.93
C ARG A 8 -2.71 7.68 -10.75
N GLU A 9 -3.89 7.53 -10.16
CA GLU A 9 -4.42 8.43 -9.13
C GLU A 9 -3.76 8.24 -7.74
N VAL A 10 -3.73 9.31 -6.94
CA VAL A 10 -3.05 9.40 -5.64
C VAL A 10 -3.64 8.47 -4.56
N TRP A 11 -2.80 8.08 -3.59
CA TRP A 11 -3.17 7.35 -2.37
C TRP A 11 -4.28 8.04 -1.56
N THR A 12 -5.09 7.24 -0.85
CA THR A 12 -6.09 7.71 0.14
C THR A 12 -6.05 6.82 1.39
N ASP A 13 -6.56 7.28 2.54
CA ASP A 13 -6.66 6.46 3.77
C ASP A 13 -7.71 5.33 3.70
N ALA A 14 -8.50 5.25 2.62
CA ALA A 14 -9.35 4.09 2.31
C ALA A 14 -8.65 3.12 1.33
N GLU A 15 -7.68 3.60 0.55
CA GLU A 15 -6.92 2.85 -0.44
C GLU A 15 -5.66 2.22 0.17
N HIS A 16 -5.01 2.94 1.11
CA HIS A 16 -3.84 2.48 1.87
C HIS A 16 -4.14 1.17 2.61
N ALA A 17 -5.39 1.00 3.05
CA ALA A 17 -5.88 -0.19 3.71
C ALA A 17 -5.65 -1.48 2.90
N LYS A 18 -5.57 -1.41 1.55
CA LYS A 18 -5.26 -2.54 0.66
C LYS A 18 -3.77 -2.87 0.63
N PHE A 19 -2.90 -1.85 0.70
CA PHE A 19 -1.44 -2.04 0.88
C PHE A 19 -1.16 -2.87 2.13
N VAL A 20 -1.88 -2.57 3.23
CA VAL A 20 -1.70 -3.22 4.53
C VAL A 20 -2.08 -4.72 4.50
N GLU A 21 -2.86 -5.17 3.52
CA GLU A 21 -3.25 -6.58 3.35
C GLU A 21 -2.18 -7.39 2.64
N GLY A 22 -1.56 -6.85 1.59
CA GLY A 22 -0.45 -7.53 0.91
C GLY A 22 0.74 -7.79 1.84
N LEU A 23 0.84 -7.09 2.97
CA LEU A 23 1.85 -7.39 4.02
C LEU A 23 1.57 -8.73 4.75
N ALA A 24 0.38 -9.30 4.56
CA ALA A 24 -0.01 -10.65 4.96
C ALA A 24 -0.03 -11.68 3.79
N LEU A 25 0.21 -11.23 2.54
CA LEU A 25 0.22 -12.09 1.33
C LEU A 25 1.65 -12.30 0.80
N PHE A 26 2.32 -11.18 0.53
CA PHE A 26 3.69 -11.07 0.02
C PHE A 26 4.73 -10.71 1.09
N HIS A 27 4.26 -10.34 2.29
CA HIS A 27 5.04 -10.02 3.50
C HIS A 27 5.87 -8.74 3.44
N LYS A 28 6.83 -8.66 2.53
CA LYS A 28 7.86 -7.60 2.47
C LYS A 28 8.47 -7.48 1.06
N ASP A 29 7.61 -7.22 0.08
CA ASP A 29 7.95 -7.23 -1.35
C ASP A 29 6.98 -6.35 -2.13
N TRP A 30 7.32 -5.08 -2.26
CA TRP A 30 6.45 -4.07 -2.86
C TRP A 30 6.20 -4.36 -4.35
N LYS A 31 7.15 -5.07 -5.00
CA LYS A 31 7.08 -5.57 -6.38
C LYS A 31 5.96 -6.58 -6.61
N LYS A 32 5.23 -7.00 -5.57
CA LYS A 32 4.02 -7.83 -5.71
C LYS A 32 2.76 -7.10 -5.28
N ILE A 33 2.87 -6.22 -4.28
CA ILE A 33 1.76 -5.44 -3.72
C ILE A 33 1.08 -4.53 -4.75
N LYS A 34 1.84 -4.06 -5.74
CA LYS A 34 1.30 -3.36 -6.92
C LYS A 34 0.19 -4.12 -7.65
N GLU A 35 0.24 -5.46 -7.63
CA GLU A 35 -0.75 -6.32 -8.28
C GLU A 35 -2.03 -6.55 -7.44
N TYR A 36 -1.99 -6.24 -6.13
CA TYR A 36 -3.13 -6.36 -5.23
C TYR A 36 -4.05 -5.14 -5.33
N ILE A 37 -3.45 -3.96 -5.28
CA ILE A 37 -4.14 -2.66 -5.48
C ILE A 37 -4.50 -2.41 -6.96
N GLY A 38 -3.68 -2.91 -7.88
CA GLY A 38 -3.82 -2.70 -9.33
C GLY A 38 -3.07 -1.48 -9.88
N THR A 39 -2.03 -0.98 -9.18
CA THR A 39 -1.22 0.17 -9.62
C THR A 39 -0.20 -0.16 -10.70
N LYS A 40 0.27 -1.41 -10.75
CA LYS A 40 1.41 -1.92 -11.55
C LYS A 40 2.78 -1.37 -11.13
N THR A 41 2.87 -0.06 -10.95
CA THR A 41 4.02 0.72 -10.43
C THR A 41 4.16 0.65 -8.90
N VAL A 42 5.40 0.71 -8.41
CA VAL A 42 5.79 0.43 -7.01
C VAL A 42 6.30 1.66 -6.23
N VAL A 43 6.78 2.72 -6.89
CA VAL A 43 7.45 3.84 -6.18
C VAL A 43 6.63 4.53 -5.09
N GLN A 44 5.33 4.70 -5.32
CA GLN A 44 4.32 5.18 -4.36
C GLN A 44 4.04 4.17 -3.23
N ILE A 45 4.13 2.87 -3.51
CA ILE A 45 3.99 1.80 -2.49
C ILE A 45 5.18 1.82 -1.52
N ARG A 46 6.39 2.06 -2.03
CA ARG A 46 7.65 2.10 -1.26
C ARG A 46 7.59 3.06 -0.06
N SER A 47 7.15 4.28 -0.34
CA SER A 47 7.04 5.37 0.64
C SER A 47 5.83 5.23 1.57
N HIS A 48 4.69 4.72 1.09
CA HIS A 48 3.55 4.40 1.95
C HIS A 48 3.80 3.19 2.85
N ALA A 49 4.58 2.20 2.41
CA ALA A 49 4.83 0.98 3.18
C ALA A 49 5.42 1.31 4.56
N GLN A 50 6.51 2.06 4.60
CA GLN A 50 7.13 2.57 5.82
C GLN A 50 6.16 3.17 6.85
N LYS A 51 5.01 3.72 6.43
CA LYS A 51 3.97 4.20 7.35
C LYS A 51 3.33 3.09 8.20
N TYR A 52 3.21 1.85 7.71
CA TYR A 52 2.78 0.70 8.54
C TYR A 52 3.75 0.49 9.71
N PHE A 53 5.05 0.62 9.46
CA PHE A 53 6.12 0.36 10.43
C PHE A 53 6.22 1.47 11.49
N LEU A 54 6.07 2.73 11.07
CA LEU A 54 6.00 3.90 11.96
C LEU A 54 4.79 3.85 12.90
N LYS A 55 3.62 3.43 12.40
CA LYS A 55 2.40 3.26 13.21
C LYS A 55 2.42 2.01 14.10
N LEU A 56 3.09 0.94 13.65
CA LEU A 56 3.36 -0.27 14.44
C LEU A 56 4.23 0.01 15.67
N ASN A 57 5.19 0.94 15.58
CA ASN A 57 6.07 1.31 16.69
C ASN A 57 5.26 1.73 17.93
N LYS A 58 5.56 1.13 19.09
CA LYS A 58 4.89 1.33 20.40
C LYS A 58 3.39 0.99 20.49
N THR A 59 2.71 0.68 19.39
CA THR A 59 1.27 0.37 19.35
C THR A 59 0.98 -1.10 19.72
N ALA A 60 0.14 -1.30 20.73
CA ALA A 60 -0.48 -2.57 21.17
C ALA A 60 0.50 -3.74 21.39
N GLY A 1 -12.81 10.62 3.26
CA GLY A 1 -12.73 9.99 1.94
C GLY A 1 -11.69 10.65 1.05
N PRO A 2 -11.75 10.41 -0.28
CA PRO A 2 -10.78 10.89 -1.27
C PRO A 2 -10.77 12.41 -1.44
N LEU A 3 -9.61 12.98 -1.82
CA LEU A 3 -9.39 14.41 -2.03
C LEU A 3 -8.58 14.69 -3.32
N GLY A 4 -8.37 15.99 -3.62
CA GLY A 4 -7.49 16.45 -4.69
C GLY A 4 -8.04 16.07 -6.07
N SER A 5 -7.27 15.34 -6.86
CA SER A 5 -7.72 14.82 -8.17
C SER A 5 -8.74 13.67 -8.05
N LYS A 6 -8.84 13.00 -6.90
CA LYS A 6 -9.60 11.76 -6.64
C LYS A 6 -9.31 10.63 -7.65
N LYS A 7 -8.15 10.65 -8.32
CA LYS A 7 -7.82 9.79 -9.46
C LYS A 7 -7.22 8.45 -9.03
N ARG A 8 -7.61 7.36 -9.71
CA ARG A 8 -7.31 5.97 -9.33
C ARG A 8 -5.82 5.56 -9.40
N GLU A 9 -4.95 6.42 -9.94
CA GLU A 9 -3.50 6.20 -10.03
C GLU A 9 -2.76 6.27 -8.68
N VAL A 10 -3.30 7.01 -7.70
CA VAL A 10 -2.61 7.39 -6.44
C VAL A 10 -3.44 7.12 -5.17
N TRP A 11 -2.82 7.24 -3.99
CA TRP A 11 -3.42 6.85 -2.71
C TRP A 11 -4.65 7.67 -2.27
N THR A 12 -5.48 7.07 -1.40
CA THR A 12 -6.58 7.69 -0.65
C THR A 12 -6.56 7.23 0.82
N ASP A 13 -7.27 7.94 1.69
CA ASP A 13 -7.35 7.71 3.14
C ASP A 13 -7.85 6.32 3.57
N ALA A 14 -8.41 5.53 2.65
CA ALA A 14 -8.82 4.13 2.82
C ALA A 14 -8.38 3.21 1.68
N GLU A 15 -7.60 3.70 0.71
CA GLU A 15 -6.95 2.85 -0.30
C GLU A 15 -5.64 2.26 0.27
N HIS A 16 -4.98 2.98 1.17
CA HIS A 16 -3.82 2.47 1.90
C HIS A 16 -4.14 1.15 2.62
N ALA A 17 -5.38 1.00 3.09
CA ALA A 17 -5.89 -0.21 3.72
C ALA A 17 -5.91 -1.45 2.79
N LYS A 18 -5.69 -1.30 1.47
CA LYS A 18 -5.42 -2.39 0.53
C LYS A 18 -3.95 -2.80 0.55
N PHE A 19 -3.03 -1.82 0.59
CA PHE A 19 -1.58 -2.05 0.76
C PHE A 19 -1.30 -2.86 2.04
N VAL A 20 -2.07 -2.59 3.09
CA VAL A 20 -1.99 -3.23 4.41
C VAL A 20 -2.37 -4.73 4.37
N GLU A 21 -2.96 -5.22 3.28
CA GLU A 21 -3.28 -6.63 3.07
C GLU A 21 -2.13 -7.39 2.44
N GLY A 22 -1.53 -6.85 1.37
CA GLY A 22 -0.37 -7.46 0.72
C GLY A 22 0.81 -7.70 1.67
N LEU A 23 0.85 -7.04 2.84
CA LEU A 23 1.86 -7.34 3.87
C LEU A 23 1.68 -8.77 4.43
N ALA A 24 0.43 -9.21 4.61
CA ALA A 24 0.07 -10.55 5.06
C ALA A 24 0.22 -11.61 3.95
N LEU A 25 0.08 -11.23 2.67
CA LEU A 25 0.16 -12.13 1.52
C LEU A 25 1.61 -12.36 1.09
N PHE A 26 2.27 -11.28 0.67
CA PHE A 26 3.59 -11.31 0.02
C PHE A 26 4.76 -11.28 1.02
N HIS A 27 4.51 -10.72 2.21
CA HIS A 27 5.48 -10.49 3.30
C HIS A 27 6.71 -9.65 2.89
N LYS A 28 6.58 -8.32 3.01
CA LYS A 28 7.63 -7.29 2.77
C LYS A 28 8.17 -7.36 1.34
N ASP A 29 7.28 -7.12 0.36
CA ASP A 29 7.62 -7.19 -1.06
C ASP A 29 6.70 -6.26 -1.86
N TRP A 30 7.10 -5.00 -1.98
CA TRP A 30 6.34 -3.93 -2.61
C TRP A 30 6.16 -4.21 -4.10
N LYS A 31 7.16 -4.89 -4.69
CA LYS A 31 7.14 -5.48 -6.04
C LYS A 31 6.01 -6.50 -6.26
N LYS A 32 5.22 -6.85 -5.24
CA LYS A 32 3.97 -7.63 -5.38
C LYS A 32 2.74 -6.83 -5.00
N ILE A 33 2.84 -5.92 -4.02
CA ILE A 33 1.71 -5.09 -3.56
C ILE A 33 1.02 -4.33 -4.70
N LYS A 34 1.78 -3.89 -5.72
CA LYS A 34 1.21 -3.20 -6.89
C LYS A 34 0.18 -4.03 -7.66
N GLU A 35 0.27 -5.37 -7.61
CA GLU A 35 -0.73 -6.30 -8.16
C GLU A 35 -2.04 -6.32 -7.34
N TYR A 36 -1.98 -6.15 -6.02
CA TYR A 36 -3.15 -6.27 -5.15
C TYR A 36 -4.05 -5.04 -5.24
N ILE A 37 -3.41 -3.87 -5.27
CA ILE A 37 -4.10 -2.60 -5.57
C ILE A 37 -4.45 -2.51 -7.07
N GLY A 38 -3.65 -3.13 -7.95
CA GLY A 38 -3.89 -3.35 -9.38
C GLY A 38 -3.12 -2.42 -10.32
N THR A 39 -2.04 -2.92 -10.91
CA THR A 39 -1.22 -2.33 -12.01
C THR A 39 -0.70 -0.89 -11.79
N LYS A 40 -0.53 -0.51 -10.53
CA LYS A 40 0.13 0.76 -10.14
C LYS A 40 1.66 0.61 -10.28
N THR A 41 2.43 1.70 -10.15
CA THR A 41 3.89 1.58 -9.96
C THR A 41 4.19 1.17 -8.50
N VAL A 42 5.44 0.86 -8.14
CA VAL A 42 5.81 0.62 -6.74
C VAL A 42 6.19 1.93 -5.99
N VAL A 43 6.44 3.04 -6.69
CA VAL A 43 6.99 4.28 -6.12
C VAL A 43 6.13 4.88 -4.99
N GLN A 44 4.81 5.00 -5.20
CA GLN A 44 3.86 5.47 -4.16
C GLN A 44 3.74 4.46 -3.01
N ILE A 45 3.82 3.17 -3.31
CA ILE A 45 3.78 2.08 -2.33
C ILE A 45 5.01 2.12 -1.43
N ARG A 46 6.18 2.44 -1.97
CA ARG A 46 7.46 2.39 -1.23
C ARG A 46 7.49 3.32 -0.01
N SER A 47 7.00 4.54 -0.22
CA SER A 47 6.88 5.55 0.84
C SER A 47 5.83 5.14 1.88
N HIS A 48 4.64 4.73 1.43
CA HIS A 48 3.52 4.35 2.28
C HIS A 48 3.73 3.06 3.06
N ALA A 49 4.43 2.07 2.50
CA ALA A 49 4.71 0.81 3.17
C ALA A 49 5.41 1.07 4.51
N GLN A 50 6.55 1.75 4.50
CA GLN A 50 7.27 2.18 5.69
C GLN A 50 6.44 2.97 6.73
N LYS A 51 5.29 3.57 6.34
CA LYS A 51 4.33 4.15 7.30
C LYS A 51 3.61 3.08 8.13
N TYR A 52 3.30 1.88 7.60
CA TYR A 52 2.82 0.78 8.45
C TYR A 52 3.89 0.44 9.51
N PHE A 53 5.16 0.36 9.09
CA PHE A 53 6.29 -0.05 9.92
C PHE A 53 6.55 0.92 11.07
N LEU A 54 6.63 2.23 10.81
CA LEU A 54 6.91 3.21 11.86
C LEU A 54 5.79 3.29 12.89
N LYS A 55 4.52 3.09 12.49
CA LYS A 55 3.36 3.08 13.39
C LYS A 55 3.37 1.92 14.40
N LEU A 56 4.16 0.87 14.15
CA LEU A 56 4.37 -0.23 15.09
C LEU A 56 5.08 0.19 16.40
N ASN A 57 5.96 1.21 16.34
CA ASN A 57 6.72 1.75 17.47
C ASN A 57 7.50 0.67 18.29
N LYS A 58 8.28 -0.17 17.60
CA LYS A 58 9.13 -1.22 18.21
C LYS A 58 10.37 -0.63 18.90
N THR A 59 11.03 -1.36 19.80
CA THR A 59 12.22 -0.89 20.55
C THR A 59 13.40 -0.68 19.59
N ALA A 60 13.99 0.52 19.61
CA ALA A 60 15.06 1.00 18.72
C ALA A 60 16.48 0.57 19.11
N GLY A 1 -4.88 11.68 0.84
CA GLY A 1 -5.99 12.00 -0.07
C GLY A 1 -6.47 13.44 0.11
N PRO A 2 -6.07 14.36 -0.80
CA PRO A 2 -6.62 15.71 -0.91
C PRO A 2 -7.97 15.71 -1.67
N LEU A 3 -8.68 16.84 -1.67
CA LEU A 3 -10.03 16.99 -2.25
C LEU A 3 -10.15 16.56 -3.74
N GLY A 4 -11.32 16.05 -4.12
CA GLY A 4 -11.67 15.69 -5.51
C GLY A 4 -10.93 14.48 -6.11
N SER A 5 -10.29 13.65 -5.29
CA SER A 5 -9.43 12.52 -5.70
C SER A 5 -10.20 11.20 -5.89
N LYS A 6 -11.28 11.20 -6.69
CA LYS A 6 -12.20 10.05 -6.85
C LYS A 6 -11.57 8.85 -7.57
N LYS A 7 -10.68 9.11 -8.55
CA LYS A 7 -9.98 8.07 -9.34
C LYS A 7 -8.74 7.45 -8.67
N ARG A 8 -8.38 7.91 -7.47
CA ARG A 8 -7.27 7.40 -6.62
C ARG A 8 -5.90 7.40 -7.31
N GLU A 9 -5.60 8.42 -8.11
CA GLU A 9 -4.24 8.70 -8.68
C GLU A 9 -3.27 9.32 -7.64
N VAL A 10 -3.62 9.20 -6.36
CA VAL A 10 -2.89 9.60 -5.15
C VAL A 10 -3.41 8.70 -4.00
N TRP A 11 -2.64 8.51 -2.93
CA TRP A 11 -3.07 7.68 -1.79
C TRP A 11 -4.33 8.20 -1.08
N THR A 12 -5.18 7.27 -0.65
CA THR A 12 -6.46 7.53 0.03
C THR A 12 -6.65 6.59 1.23
N ASP A 13 -7.48 6.98 2.20
CA ASP A 13 -7.84 6.16 3.37
C ASP A 13 -8.60 4.85 3.04
N ALA A 14 -9.30 4.82 1.90
CA ALA A 14 -9.88 3.59 1.37
C ALA A 14 -8.83 2.71 0.65
N GLU A 15 -7.79 3.33 0.07
CA GLU A 15 -6.75 2.64 -0.67
C GLU A 15 -5.69 2.03 0.27
N HIS A 16 -5.36 2.74 1.37
CA HIS A 16 -4.40 2.27 2.37
C HIS A 16 -4.78 0.89 2.91
N ALA A 17 -6.09 0.67 3.12
CA ALA A 17 -6.67 -0.57 3.59
C ALA A 17 -6.38 -1.79 2.70
N LYS A 18 -5.91 -1.60 1.47
CA LYS A 18 -5.43 -2.64 0.54
C LYS A 18 -3.93 -2.91 0.65
N PHE A 19 -3.10 -1.86 0.76
CA PHE A 19 -1.64 -1.99 0.89
C PHE A 19 -1.25 -2.81 2.11
N VAL A 20 -1.96 -2.58 3.21
CA VAL A 20 -1.73 -3.30 4.48
C VAL A 20 -2.03 -4.81 4.39
N GLU A 21 -2.75 -5.26 3.36
CA GLU A 21 -3.06 -6.67 3.12
C GLU A 21 -1.92 -7.42 2.45
N GLY A 22 -1.30 -6.82 1.42
CA GLY A 22 -0.12 -7.40 0.79
C GLY A 22 1.03 -7.68 1.77
N LEU A 23 1.03 -7.04 2.95
CA LEU A 23 1.97 -7.34 4.04
C LEU A 23 1.72 -8.73 4.69
N ALA A 24 0.50 -9.26 4.58
CA ALA A 24 0.12 -10.63 4.93
C ALA A 24 0.17 -11.61 3.74
N LEU A 25 -0.15 -11.17 2.51
CA LEU A 25 -0.13 -12.01 1.30
C LEU A 25 1.30 -12.38 0.93
N PHE A 26 2.08 -11.33 0.68
CA PHE A 26 3.44 -11.39 0.18
C PHE A 26 4.47 -11.36 1.31
N HIS A 27 4.23 -10.50 2.32
CA HIS A 27 5.14 -10.18 3.43
C HIS A 27 6.45 -9.47 3.00
N LYS A 28 6.44 -8.13 3.08
CA LYS A 28 7.56 -7.20 2.87
C LYS A 28 8.17 -7.32 1.48
N ASP A 29 7.37 -7.00 0.46
CA ASP A 29 7.71 -7.20 -0.95
C ASP A 29 6.84 -6.29 -1.85
N TRP A 30 7.29 -5.06 -2.06
CA TRP A 30 6.49 -4.04 -2.73
C TRP A 30 6.30 -4.37 -4.22
N LYS A 31 7.25 -5.15 -4.78
CA LYS A 31 7.22 -5.75 -6.13
C LYS A 31 6.05 -6.73 -6.37
N LYS A 32 5.19 -6.94 -5.38
CA LYS A 32 3.90 -7.66 -5.53
C LYS A 32 2.71 -6.78 -5.15
N ILE A 33 2.86 -5.92 -4.14
CA ILE A 33 1.76 -5.05 -3.63
C ILE A 33 1.10 -4.21 -4.72
N LYS A 34 1.88 -3.72 -5.67
CA LYS A 34 1.37 -2.90 -6.78
C LYS A 34 0.32 -3.60 -7.66
N GLU A 35 0.35 -4.93 -7.70
CA GLU A 35 -0.68 -5.76 -8.35
C GLU A 35 -1.97 -5.90 -7.53
N TYR A 36 -1.87 -5.85 -6.19
CA TYR A 36 -3.01 -6.10 -5.30
C TYR A 36 -3.98 -4.93 -5.29
N ILE A 37 -3.42 -3.73 -5.24
CA ILE A 37 -4.17 -2.49 -5.41
C ILE A 37 -4.69 -2.33 -6.85
N GLY A 38 -3.85 -2.58 -7.87
CA GLY A 38 -4.27 -2.67 -9.28
C GLY A 38 -3.26 -2.13 -10.28
N THR A 39 -2.30 -2.98 -10.69
CA THR A 39 -1.27 -2.76 -11.75
C THR A 39 -0.44 -1.47 -11.60
N LYS A 40 -0.27 -0.97 -10.37
CA LYS A 40 0.41 0.30 -10.07
C LYS A 40 1.92 0.22 -10.27
N THR A 41 2.62 1.36 -10.23
CA THR A 41 4.09 1.39 -10.05
C THR A 41 4.41 1.16 -8.56
N VAL A 42 5.68 0.89 -8.20
CA VAL A 42 6.06 0.61 -6.80
C VAL A 42 6.45 1.87 -6.01
N VAL A 43 6.80 2.98 -6.67
CA VAL A 43 7.37 4.20 -6.03
C VAL A 43 6.52 4.76 -4.86
N GLN A 44 5.24 5.02 -5.11
CA GLN A 44 4.23 5.48 -4.13
C GLN A 44 3.95 4.44 -3.05
N ILE A 45 3.96 3.15 -3.40
CA ILE A 45 3.74 2.06 -2.44
C ILE A 45 4.94 1.93 -1.49
N ARG A 46 6.15 2.17 -1.96
CA ARG A 46 7.38 2.03 -1.16
C ARG A 46 7.46 3.03 -0.01
N SER A 47 7.09 4.28 -0.31
CA SER A 47 7.01 5.36 0.68
C SER A 47 5.85 5.18 1.65
N HIS A 48 4.68 4.70 1.19
CA HIS A 48 3.54 4.40 2.06
C HIS A 48 3.72 3.15 2.90
N ALA A 49 4.40 2.12 2.40
CA ALA A 49 4.70 0.89 3.13
C ALA A 49 5.39 1.20 4.46
N GLN A 50 6.47 1.97 4.44
CA GLN A 50 7.15 2.49 5.60
C GLN A 50 6.24 3.12 6.67
N LYS A 51 5.07 3.66 6.31
CA LYS A 51 4.08 4.16 7.29
C LYS A 51 3.50 3.05 8.17
N TYR A 52 3.25 1.85 7.65
CA TYR A 52 2.87 0.71 8.52
C TYR A 52 3.96 0.50 9.60
N PHE A 53 5.24 0.49 9.16
CA PHE A 53 6.41 0.17 9.96
C PHE A 53 6.69 1.23 11.03
N LEU A 54 6.63 2.51 10.65
CA LEU A 54 6.84 3.64 11.56
C LEU A 54 5.75 3.71 12.62
N LYS A 55 4.48 3.49 12.26
CA LYS A 55 3.35 3.50 13.21
C LYS A 55 3.35 2.31 14.17
N LEU A 56 3.81 1.13 13.72
CA LEU A 56 3.78 -0.13 14.47
C LEU A 56 4.56 -0.04 15.80
N ASN A 57 3.91 -0.35 16.93
CA ASN A 57 4.59 -0.46 18.24
C ASN A 57 5.66 -1.56 18.26
N LYS A 58 6.78 -1.34 18.98
CA LYS A 58 7.94 -2.24 19.01
C LYS A 58 7.80 -3.42 20.00
N THR A 59 8.30 -4.59 19.62
CA THR A 59 8.43 -5.81 20.47
C THR A 59 7.10 -6.25 21.11
N ALA A 60 5.99 -6.02 20.40
CA ALA A 60 4.62 -6.17 20.90
C ALA A 60 3.61 -6.47 19.80
N GLY A 1 -13.39 -2.45 3.39
CA GLY A 1 -14.33 -2.60 2.26
C GLY A 1 -13.64 -2.31 0.94
N PRO A 2 -14.34 -1.66 -0.01
CA PRO A 2 -13.80 -1.24 -1.32
C PRO A 2 -12.63 -0.24 -1.27
N LEU A 3 -11.98 -0.03 -2.42
CA LEU A 3 -10.99 1.01 -2.68
C LEU A 3 -11.63 2.40 -2.88
N GLY A 4 -10.79 3.44 -2.94
CA GLY A 4 -11.20 4.78 -3.38
C GLY A 4 -11.47 4.83 -4.88
N SER A 5 -11.81 6.01 -5.42
CA SER A 5 -12.13 6.19 -6.84
C SER A 5 -11.01 5.72 -7.80
N LYS A 6 -11.32 4.80 -8.73
CA LYS A 6 -10.31 4.17 -9.62
C LYS A 6 -9.65 5.09 -10.66
N LYS A 7 -10.23 6.27 -10.92
CA LYS A 7 -9.61 7.36 -11.70
C LYS A 7 -8.51 8.14 -10.97
N ARG A 8 -8.33 7.88 -9.67
CA ARG A 8 -7.29 8.48 -8.80
C ARG A 8 -6.09 7.55 -8.59
N GLU A 9 -4.98 8.15 -8.17
CA GLU A 9 -3.66 7.51 -8.05
C GLU A 9 -2.89 7.87 -6.76
N VAL A 10 -3.25 8.96 -6.08
CA VAL A 10 -2.63 9.41 -4.82
C VAL A 10 -3.28 8.70 -3.62
N TRP A 11 -2.48 8.34 -2.62
CA TRP A 11 -2.95 7.60 -1.44
C TRP A 11 -4.07 8.30 -0.64
N THR A 12 -4.97 7.49 -0.07
CA THR A 12 -6.11 7.89 0.78
C THR A 12 -6.46 6.72 1.70
N ASP A 13 -7.11 6.92 2.87
CA ASP A 13 -7.26 5.85 3.88
C ASP A 13 -8.01 4.59 3.39
N ALA A 14 -9.05 4.75 2.55
CA ALA A 14 -9.73 3.63 1.90
C ALA A 14 -8.87 2.90 0.86
N GLU A 15 -7.79 3.52 0.37
CA GLU A 15 -6.82 2.90 -0.53
C GLU A 15 -5.70 2.23 0.28
N HIS A 16 -5.15 2.93 1.28
CA HIS A 16 -4.01 2.48 2.10
C HIS A 16 -4.33 1.18 2.81
N ALA A 17 -5.58 1.00 3.24
CA ALA A 17 -6.05 -0.24 3.85
C ALA A 17 -5.75 -1.49 3.02
N LYS A 18 -5.69 -1.41 1.68
CA LYS A 18 -5.37 -2.57 0.80
C LYS A 18 -3.87 -2.84 0.68
N PHE A 19 -3.03 -1.80 0.73
CA PHE A 19 -1.57 -1.96 0.85
C PHE A 19 -1.23 -2.75 2.11
N VAL A 20 -1.95 -2.48 3.19
CA VAL A 20 -1.76 -3.08 4.52
C VAL A 20 -2.08 -4.59 4.53
N GLU A 21 -2.81 -5.10 3.52
CA GLU A 21 -3.12 -6.53 3.37
C GLU A 21 -2.01 -7.28 2.65
N GLY A 22 -1.47 -6.75 1.55
CA GLY A 22 -0.36 -7.40 0.83
C GLY A 22 0.89 -7.62 1.70
N LEU A 23 1.00 -6.93 2.84
CA LEU A 23 2.05 -7.20 3.85
C LEU A 23 1.93 -8.63 4.40
N ALA A 24 0.70 -9.09 4.65
CA ALA A 24 0.38 -10.44 5.08
C ALA A 24 0.48 -11.48 3.95
N LEU A 25 0.19 -11.10 2.69
CA LEU A 25 0.17 -12.02 1.55
C LEU A 25 1.59 -12.30 1.05
N PHE A 26 2.22 -11.25 0.53
CA PHE A 26 3.50 -11.33 -0.18
C PHE A 26 4.71 -11.34 0.77
N HIS A 27 4.50 -10.88 2.01
CA HIS A 27 5.54 -10.75 3.04
C HIS A 27 6.72 -9.85 2.65
N LYS A 28 6.48 -8.54 2.79
CA LYS A 28 7.47 -7.44 2.69
C LYS A 28 8.12 -7.38 1.29
N ASP A 29 7.28 -7.18 0.27
CA ASP A 29 7.67 -7.20 -1.14
C ASP A 29 6.74 -6.28 -1.95
N TRP A 30 7.14 -5.04 -2.12
CA TRP A 30 6.31 -3.98 -2.68
C TRP A 30 6.04 -4.22 -4.16
N LYS A 31 6.99 -4.91 -4.83
CA LYS A 31 6.93 -5.44 -6.20
C LYS A 31 5.84 -6.48 -6.43
N LYS A 32 4.99 -6.77 -5.44
CA LYS A 32 3.76 -7.57 -5.58
C LYS A 32 2.54 -6.80 -5.11
N ILE A 33 2.65 -5.95 -4.08
CA ILE A 33 1.54 -5.12 -3.58
C ILE A 33 0.86 -4.30 -4.67
N LYS A 34 1.61 -3.81 -5.66
CA LYS A 34 1.08 -3.07 -6.81
C LYS A 34 -0.04 -3.77 -7.56
N GLU A 35 -0.01 -5.10 -7.55
CA GLU A 35 -0.98 -5.97 -8.24
C GLU A 35 -2.21 -6.33 -7.38
N TYR A 36 -2.15 -6.09 -6.06
CA TYR A 36 -3.30 -6.26 -5.15
C TYR A 36 -4.25 -5.08 -5.23
N ILE A 37 -3.67 -3.88 -5.20
CA ILE A 37 -4.37 -2.62 -5.46
C ILE A 37 -4.76 -2.51 -6.95
N GLY A 38 -3.86 -2.85 -7.87
CA GLY A 38 -4.12 -3.03 -9.30
C GLY A 38 -3.32 -2.11 -10.24
N THR A 39 -2.35 -2.69 -10.95
CA THR A 39 -1.57 -2.10 -12.08
C THR A 39 -0.82 -0.80 -11.78
N LYS A 40 -0.48 -0.55 -10.51
CA LYS A 40 0.22 0.65 -10.04
C LYS A 40 1.75 0.56 -10.15
N THR A 41 2.45 1.70 -10.09
CA THR A 41 3.90 1.78 -9.87
C THR A 41 4.21 1.54 -8.38
N VAL A 42 5.45 1.19 -8.04
CA VAL A 42 5.84 0.84 -6.65
C VAL A 42 6.42 2.01 -5.85
N VAL A 43 6.78 3.13 -6.48
CA VAL A 43 7.41 4.32 -5.83
C VAL A 43 6.65 4.81 -4.58
N GLN A 44 5.38 5.15 -4.78
CA GLN A 44 4.42 5.56 -3.73
C GLN A 44 4.05 4.41 -2.79
N ILE A 45 3.99 3.17 -3.28
CA ILE A 45 3.74 1.99 -2.43
C ILE A 45 4.89 1.74 -1.47
N ARG A 46 6.13 1.90 -1.92
CA ARG A 46 7.36 1.72 -1.10
C ARG A 46 7.39 2.76 0.02
N SER A 47 7.08 3.98 -0.39
CA SER A 47 7.04 5.17 0.48
C SER A 47 5.91 5.08 1.52
N HIS A 48 4.72 4.55 1.18
CA HIS A 48 3.66 4.27 2.16
C HIS A 48 3.90 3.00 2.98
N ALA A 49 4.54 1.97 2.42
CA ALA A 49 4.85 0.75 3.16
C ALA A 49 5.67 1.08 4.42
N GLN A 50 6.78 1.79 4.28
CA GLN A 50 7.55 2.27 5.43
C GLN A 50 6.76 3.14 6.46
N LYS A 51 5.52 3.59 6.16
CA LYS A 51 4.58 4.21 7.13
C LYS A 51 3.84 3.18 8.00
N TYR A 52 3.55 1.96 7.52
CA TYR A 52 3.04 0.89 8.39
C TYR A 52 4.05 0.62 9.53
N PHE A 53 5.35 0.65 9.21
CA PHE A 53 6.43 0.26 10.11
C PHE A 53 6.56 1.20 11.31
N LEU A 54 6.49 2.52 11.09
CA LEU A 54 6.48 3.54 12.17
C LEU A 54 5.15 3.63 12.98
N LYS A 55 4.18 2.76 12.66
CA LYS A 55 2.95 2.53 13.45
C LYS A 55 3.06 1.22 14.25
N LEU A 56 3.56 0.15 13.59
CA LEU A 56 3.75 -1.17 14.21
C LEU A 56 4.91 -1.23 15.22
N ASN A 57 6.05 -0.63 14.88
CA ASN A 57 7.23 -0.46 15.75
C ASN A 57 7.22 0.93 16.42
N LYS A 58 7.95 1.10 17.52
CA LYS A 58 8.06 2.38 18.25
C LYS A 58 8.83 3.49 17.52
N THR A 59 9.55 3.20 16.44
CA THR A 59 10.31 4.18 15.65
C THR A 59 9.44 5.25 14.96
N ALA A 60 10.03 6.43 14.70
CA ALA A 60 9.41 7.58 14.02
C ALA A 60 10.46 8.53 13.41
N GLY A 1 -22.79 13.26 -12.59
CA GLY A 1 -21.35 13.55 -12.73
C GLY A 1 -20.53 12.28 -12.77
N PRO A 2 -19.19 12.39 -12.86
CA PRO A 2 -18.28 11.27 -13.08
C PRO A 2 -18.07 10.39 -11.84
N LEU A 3 -17.76 9.11 -12.06
CA LEU A 3 -17.65 8.07 -11.02
C LEU A 3 -16.23 7.50 -10.84
N GLY A 4 -15.21 8.10 -11.45
CA GLY A 4 -13.83 7.61 -11.47
C GLY A 4 -13.06 7.63 -10.13
N SER A 5 -13.62 8.22 -9.06
CA SER A 5 -12.93 8.37 -7.77
C SER A 5 -12.40 7.04 -7.18
N LYS A 6 -13.08 5.92 -7.44
CA LYS A 6 -12.71 4.58 -6.95
C LYS A 6 -11.46 3.95 -7.58
N LYS A 7 -10.81 4.62 -8.55
CA LYS A 7 -9.65 4.12 -9.32
C LYS A 7 -8.51 5.16 -9.44
N ARG A 8 -8.43 6.08 -8.48
CA ARG A 8 -7.50 7.22 -8.43
C ARG A 8 -6.00 6.88 -8.53
N GLU A 9 -5.18 7.82 -9.01
CA GLU A 9 -3.71 7.72 -9.17
C GLU A 9 -2.91 8.23 -7.94
N VAL A 10 -3.53 8.21 -6.75
CA VAL A 10 -3.02 8.83 -5.51
C VAL A 10 -3.41 8.01 -4.27
N TRP A 11 -2.66 8.13 -3.17
CA TRP A 11 -2.97 7.49 -1.90
C TRP A 11 -4.15 8.16 -1.17
N THR A 12 -5.00 7.32 -0.58
CA THR A 12 -6.23 7.66 0.16
C THR A 12 -6.45 6.64 1.29
N ASP A 13 -7.29 6.94 2.29
CA ASP A 13 -7.54 5.99 3.40
C ASP A 13 -8.26 4.70 2.95
N ALA A 14 -9.12 4.77 1.92
CA ALA A 14 -9.72 3.60 1.28
C ALA A 14 -8.73 2.82 0.39
N GLU A 15 -7.61 3.42 -0.03
CA GLU A 15 -6.55 2.73 -0.77
C GLU A 15 -5.52 2.13 0.20
N HIS A 16 -5.17 2.83 1.29
CA HIS A 16 -4.19 2.37 2.28
C HIS A 16 -4.63 1.06 2.94
N ALA A 17 -5.94 0.91 3.18
CA ALA A 17 -6.58 -0.33 3.64
C ALA A 17 -6.39 -1.54 2.71
N LYS A 18 -5.86 -1.38 1.49
CA LYS A 18 -5.43 -2.45 0.57
C LYS A 18 -3.94 -2.75 0.70
N PHE A 19 -3.09 -1.73 0.75
CA PHE A 19 -1.62 -1.89 0.92
C PHE A 19 -1.27 -2.70 2.16
N VAL A 20 -2.02 -2.43 3.24
CA VAL A 20 -1.86 -3.08 4.55
C VAL A 20 -2.15 -4.58 4.51
N GLU A 21 -2.84 -5.08 3.47
CA GLU A 21 -3.17 -6.50 3.29
C GLU A 21 -2.04 -7.25 2.62
N GLY A 22 -1.48 -6.72 1.53
CA GLY A 22 -0.36 -7.34 0.84
C GLY A 22 0.85 -7.59 1.73
N LEU A 23 0.96 -6.87 2.86
CA LEU A 23 1.99 -7.13 3.88
C LEU A 23 1.90 -8.55 4.45
N ALA A 24 0.68 -9.06 4.63
CA ALA A 24 0.39 -10.41 5.08
C ALA A 24 0.53 -11.47 3.97
N LEU A 25 0.26 -11.11 2.71
CA LEU A 25 0.24 -12.02 1.55
C LEU A 25 1.64 -12.29 1.01
N PHE A 26 2.34 -11.22 0.65
CA PHE A 26 3.64 -11.25 -0.03
C PHE A 26 4.83 -11.26 0.93
N HIS A 27 4.61 -10.75 2.15
CA HIS A 27 5.60 -10.58 3.22
C HIS A 27 6.85 -9.81 2.77
N LYS A 28 6.79 -8.47 2.91
CA LYS A 28 7.89 -7.52 2.73
C LYS A 28 8.50 -7.66 1.33
N ASP A 29 7.68 -7.31 0.34
CA ASP A 29 7.95 -7.44 -1.09
C ASP A 29 7.00 -6.53 -1.90
N TRP A 30 7.37 -5.26 -2.04
CA TRP A 30 6.52 -4.23 -2.64
C TRP A 30 6.24 -4.51 -4.13
N LYS A 31 7.15 -5.23 -4.79
CA LYS A 31 7.10 -5.75 -6.18
C LYS A 31 5.92 -6.70 -6.44
N LYS A 32 5.11 -7.02 -5.43
CA LYS A 32 3.84 -7.76 -5.58
C LYS A 32 2.62 -6.95 -5.14
N ILE A 33 2.79 -6.01 -4.20
CA ILE A 33 1.70 -5.15 -3.70
C ILE A 33 1.03 -4.34 -4.82
N LYS A 34 1.82 -3.94 -5.82
CA LYS A 34 1.31 -3.24 -7.02
C LYS A 34 0.24 -4.00 -7.81
N GLU A 35 0.19 -5.34 -7.67
CA GLU A 35 -0.85 -6.20 -8.25
C GLU A 35 -2.17 -6.18 -7.46
N TYR A 36 -2.12 -5.96 -6.14
CA TYR A 36 -3.26 -6.13 -5.23
C TYR A 36 -4.19 -4.92 -5.23
N ILE A 37 -3.55 -3.74 -5.26
CA ILE A 37 -4.21 -2.45 -5.50
C ILE A 37 -4.52 -2.24 -7.00
N GLY A 38 -3.66 -2.72 -7.91
CA GLY A 38 -3.75 -2.44 -9.35
C GLY A 38 -2.97 -1.19 -9.83
N THR A 39 -2.01 -0.70 -9.04
CA THR A 39 -1.15 0.45 -9.40
C THR A 39 -0.16 0.10 -10.51
N LYS A 40 0.23 -1.18 -10.62
CA LYS A 40 1.29 -1.74 -11.50
C LYS A 40 2.72 -1.28 -11.19
N THR A 41 2.89 -0.02 -10.83
CA THR A 41 4.13 0.61 -10.32
C THR A 41 4.22 0.58 -8.78
N VAL A 42 5.45 0.58 -8.25
CA VAL A 42 5.80 0.46 -6.81
C VAL A 42 6.29 1.78 -6.19
N VAL A 43 6.67 2.79 -6.99
CA VAL A 43 7.28 4.06 -6.51
C VAL A 43 6.51 4.69 -5.32
N GLN A 44 5.19 4.76 -5.44
CA GLN A 44 4.24 5.23 -4.42
C GLN A 44 4.06 4.27 -3.24
N ILE A 45 4.10 2.96 -3.47
CA ILE A 45 3.99 1.93 -2.42
C ILE A 45 5.22 1.92 -1.50
N ARG A 46 6.41 2.13 -2.04
CA ARG A 46 7.68 2.04 -1.29
C ARG A 46 7.71 2.97 -0.07
N SER A 47 7.32 4.22 -0.32
CA SER A 47 7.24 5.29 0.68
C SER A 47 6.04 5.17 1.62
N HIS A 48 4.89 4.70 1.14
CA HIS A 48 3.71 4.47 1.99
C HIS A 48 3.84 3.24 2.86
N ALA A 49 4.54 2.19 2.40
CA ALA A 49 4.81 0.99 3.18
C ALA A 49 5.47 1.36 4.52
N GLN A 50 6.54 2.14 4.49
CA GLN A 50 7.20 2.69 5.67
C GLN A 50 6.24 3.28 6.75
N LYS A 51 5.07 3.81 6.37
CA LYS A 51 4.04 4.27 7.33
C LYS A 51 3.40 3.15 8.16
N TYR A 52 3.28 1.91 7.68
CA TYR A 52 2.89 0.78 8.55
C TYR A 52 3.97 0.52 9.61
N PHE A 53 5.24 0.56 9.18
CA PHE A 53 6.43 0.20 9.94
C PHE A 53 6.75 1.17 11.09
N LEU A 54 6.57 2.47 10.86
CA LEU A 54 6.74 3.54 11.86
C LEU A 54 5.73 3.44 13.01
N LYS A 55 4.53 2.90 12.74
CA LYS A 55 3.50 2.66 13.77
C LYS A 55 3.77 1.41 14.63
N LEU A 56 4.48 0.41 14.11
CA LEU A 56 4.94 -0.73 14.92
C LEU A 56 6.04 -0.34 15.92
N ASN A 57 6.91 0.61 15.54
CA ASN A 57 7.91 1.20 16.43
C ASN A 57 7.28 2.01 17.59
N LYS A 58 8.05 2.30 18.65
CA LYS A 58 7.66 3.25 19.71
C LYS A 58 7.37 4.67 19.17
N THR A 59 6.65 5.49 19.92
CA THR A 59 6.28 6.87 19.52
C THR A 59 7.44 7.87 19.53
N ALA A 60 8.47 7.63 20.34
CA ALA A 60 9.75 8.37 20.40
C ALA A 60 9.61 9.91 20.52
N GLY A 1 1.79 30.52 -4.61
CA GLY A 1 0.75 29.80 -5.37
C GLY A 1 -0.35 29.28 -4.44
N PRO A 2 -1.40 28.64 -4.98
CA PRO A 2 -2.58 28.21 -4.23
C PRO A 2 -2.34 27.10 -3.19
N LEU A 3 -3.19 27.05 -2.17
CA LEU A 3 -3.12 26.06 -1.08
C LEU A 3 -3.26 24.62 -1.60
N GLY A 4 -2.44 23.70 -1.10
CA GLY A 4 -2.36 22.32 -1.57
C GLY A 4 -1.69 22.17 -2.95
N SER A 5 -2.09 21.15 -3.71
CA SER A 5 -1.63 20.91 -5.09
C SER A 5 -2.69 20.23 -5.96
N LYS A 6 -2.78 20.65 -7.23
CA LYS A 6 -3.57 19.98 -8.28
C LYS A 6 -2.89 18.74 -8.87
N LYS A 7 -1.61 18.47 -8.55
CA LYS A 7 -0.85 17.31 -9.03
C LYS A 7 -0.30 16.55 -7.81
N ARG A 8 -1.14 15.68 -7.25
CA ARG A 8 -0.90 14.97 -5.98
C ARG A 8 -0.86 13.45 -6.16
N GLU A 9 -0.11 12.79 -5.29
CA GLU A 9 0.09 11.34 -5.29
C GLU A 9 -1.23 10.55 -5.17
N VAL A 10 -1.29 9.37 -5.80
CA VAL A 10 -2.53 8.57 -5.99
C VAL A 10 -3.19 8.03 -4.71
N TRP A 11 -2.48 8.06 -3.57
CA TRP A 11 -2.90 7.45 -2.31
C TRP A 11 -4.09 8.13 -1.63
N THR A 12 -4.96 7.31 -1.03
CA THR A 12 -6.16 7.73 -0.27
C THR A 12 -6.19 6.98 1.08
N ASP A 13 -6.95 7.45 2.06
CA ASP A 13 -7.10 6.76 3.34
C ASP A 13 -7.78 5.38 3.14
N ALA A 14 -8.74 5.31 2.22
CA ALA A 14 -9.42 4.09 1.82
C ALA A 14 -8.51 3.09 1.07
N GLU A 15 -7.50 3.56 0.35
CA GLU A 15 -6.59 2.73 -0.45
C GLU A 15 -5.47 2.13 0.42
N HIS A 16 -5.11 2.83 1.51
CA HIS A 16 -4.12 2.35 2.49
C HIS A 16 -4.50 0.98 3.05
N ALA A 17 -5.79 0.78 3.31
CA ALA A 17 -6.41 -0.45 3.77
C ALA A 17 -6.23 -1.66 2.82
N LYS A 18 -5.72 -1.47 1.60
CA LYS A 18 -5.32 -2.53 0.67
C LYS A 18 -3.83 -2.87 0.78
N PHE A 19 -2.96 -1.85 0.84
CA PHE A 19 -1.51 -2.04 0.93
C PHE A 19 -1.12 -2.87 2.15
N VAL A 20 -1.81 -2.60 3.26
CA VAL A 20 -1.57 -3.24 4.56
C VAL A 20 -1.92 -4.74 4.60
N GLU A 21 -2.68 -5.21 3.59
CA GLU A 21 -3.03 -6.62 3.41
C GLU A 21 -1.93 -7.38 2.68
N GLY A 22 -1.39 -6.83 1.59
CA GLY A 22 -0.29 -7.45 0.86
C GLY A 22 0.94 -7.72 1.72
N LEU A 23 1.09 -7.03 2.86
CA LEU A 23 2.16 -7.32 3.84
C LEU A 23 2.05 -8.75 4.41
N ALA A 24 0.82 -9.23 4.60
CA ALA A 24 0.51 -10.59 5.05
C ALA A 24 0.61 -11.64 3.92
N LEU A 25 0.39 -11.26 2.66
CA LEU A 25 0.35 -12.15 1.48
C LEU A 25 1.73 -12.36 0.87
N PHE A 26 2.43 -11.26 0.60
CA PHE A 26 3.70 -11.25 -0.11
C PHE A 26 4.94 -11.14 0.80
N HIS A 27 4.74 -10.75 2.07
CA HIS A 27 5.78 -10.66 3.11
C HIS A 27 7.00 -9.81 2.71
N LYS A 28 6.84 -8.47 2.79
CA LYS A 28 7.85 -7.45 2.47
C LYS A 28 8.33 -7.58 1.04
N ASP A 29 7.46 -7.19 0.11
CA ASP A 29 7.67 -7.36 -1.33
C ASP A 29 6.75 -6.40 -2.11
N TRP A 30 7.20 -5.15 -2.27
CA TRP A 30 6.41 -4.09 -2.87
C TRP A 30 6.13 -4.38 -4.35
N LYS A 31 7.06 -5.08 -5.02
CA LYS A 31 6.95 -5.61 -6.40
C LYS A 31 5.88 -6.71 -6.56
N LYS A 32 5.09 -6.98 -5.51
CA LYS A 32 3.85 -7.78 -5.54
C LYS A 32 2.65 -6.95 -5.13
N ILE A 33 2.78 -6.05 -4.13
CA ILE A 33 1.68 -5.20 -3.65
C ILE A 33 0.99 -4.41 -4.78
N LYS A 34 1.75 -3.96 -5.79
CA LYS A 34 1.19 -3.27 -6.96
C LYS A 34 0.07 -4.04 -7.66
N GLU A 35 0.14 -5.37 -7.65
CA GLU A 35 -0.84 -6.27 -8.27
C GLU A 35 -2.12 -6.38 -7.43
N TYR A 36 -2.06 -6.20 -6.11
CA TYR A 36 -3.23 -6.31 -5.22
C TYR A 36 -4.12 -5.08 -5.34
N ILE A 37 -3.49 -3.90 -5.31
CA ILE A 37 -4.13 -2.59 -5.44
C ILE A 37 -4.63 -2.32 -6.87
N GLY A 38 -3.82 -2.45 -7.93
CA GLY A 38 -4.27 -1.93 -9.24
C GLY A 38 -3.41 -2.13 -10.50
N THR A 39 -2.49 -3.11 -10.54
CA THR A 39 -1.51 -3.31 -11.64
C THR A 39 -0.63 -2.08 -11.93
N LYS A 40 -0.36 -1.30 -10.88
CA LYS A 40 0.39 -0.02 -10.88
C LYS A 40 1.91 -0.17 -10.84
N THR A 41 2.61 0.96 -10.79
CA THR A 41 4.04 1.10 -10.46
C THR A 41 4.26 0.86 -8.94
N VAL A 42 5.51 0.74 -8.49
CA VAL A 42 5.86 0.44 -7.09
C VAL A 42 6.34 1.65 -6.29
N VAL A 43 6.84 2.71 -6.93
CA VAL A 43 7.49 3.88 -6.28
C VAL A 43 6.65 4.47 -5.12
N GLN A 44 5.35 4.68 -5.35
CA GLN A 44 4.39 5.15 -4.32
C GLN A 44 4.21 4.17 -3.16
N ILE A 45 4.26 2.86 -3.43
CA ILE A 45 4.08 1.83 -2.40
C ILE A 45 5.30 1.78 -1.48
N ARG A 46 6.51 2.03 -1.99
CA ARG A 46 7.74 1.90 -1.19
C ARG A 46 7.79 2.86 0.01
N SER A 47 7.41 4.10 -0.22
CA SER A 47 7.29 5.13 0.83
C SER A 47 6.03 4.97 1.67
N HIS A 48 4.90 4.52 1.10
CA HIS A 48 3.68 4.31 1.90
C HIS A 48 3.76 3.08 2.81
N ALA A 49 4.48 2.04 2.38
CA ALA A 49 4.75 0.86 3.19
C ALA A 49 5.31 1.27 4.56
N GLN A 50 6.33 2.11 4.60
CA GLN A 50 6.89 2.69 5.81
C GLN A 50 5.85 3.31 6.79
N LYS A 51 4.68 3.77 6.35
CA LYS A 51 3.58 4.17 7.26
C LYS A 51 3.10 3.03 8.18
N TYR A 52 3.08 1.77 7.71
CA TYR A 52 2.77 0.63 8.58
C TYR A 52 3.75 0.55 9.76
N PHE A 53 5.04 0.85 9.51
CA PHE A 53 6.11 0.77 10.48
C PHE A 53 6.07 1.94 11.50
N LEU A 54 5.64 3.13 11.08
CA LEU A 54 5.45 4.28 11.97
C LEU A 54 4.35 4.01 13.01
N LYS A 55 3.19 3.49 12.58
CA LYS A 55 2.06 3.17 13.48
C LYS A 55 2.23 1.89 14.31
N LEU A 56 3.03 0.95 13.81
CA LEU A 56 3.43 -0.27 14.55
C LEU A 56 4.15 0.12 15.85
N ASN A 57 3.76 -0.49 16.98
CA ASN A 57 4.39 -0.26 18.27
C ASN A 57 5.89 -0.61 18.22
N LYS A 58 6.74 0.29 18.76
CA LYS A 58 8.20 0.20 18.66
C LYS A 58 8.76 -0.99 19.46
N THR A 59 9.58 -1.80 18.80
CA THR A 59 10.39 -2.85 19.44
C THR A 59 11.65 -3.16 18.62
N ALA A 60 12.79 -3.22 19.31
CA ALA A 60 14.09 -3.57 18.72
C ALA A 60 14.20 -5.08 18.44
N GLY A 1 -20.45 3.97 -5.43
CA GLY A 1 -19.01 3.71 -5.55
C GLY A 1 -18.77 2.66 -6.62
N PRO A 2 -17.75 2.81 -7.50
CA PRO A 2 -17.51 1.91 -8.62
C PRO A 2 -16.86 0.55 -8.26
N LEU A 3 -16.48 0.35 -6.99
CA LEU A 3 -15.65 -0.73 -6.44
C LEU A 3 -14.19 -0.72 -6.95
N GLY A 4 -13.27 -1.21 -6.11
CA GLY A 4 -11.83 -1.27 -6.40
C GLY A 4 -11.14 0.10 -6.49
N SER A 5 -9.87 0.09 -6.91
CA SER A 5 -9.05 1.31 -7.04
C SER A 5 -9.46 2.15 -8.25
N LYS A 6 -9.49 3.47 -8.10
CA LYS A 6 -9.60 4.45 -9.19
C LYS A 6 -8.24 4.61 -9.91
N LYS A 7 -8.25 5.07 -11.17
CA LYS A 7 -7.08 5.17 -12.07
C LYS A 7 -6.09 6.32 -11.74
N ARG A 8 -5.92 6.61 -10.44
CA ARG A 8 -5.03 7.62 -9.84
C ARG A 8 -4.09 6.95 -8.83
N GLU A 9 -2.83 7.39 -8.76
CA GLU A 9 -1.83 6.79 -7.86
C GLU A 9 -1.83 7.35 -6.42
N VAL A 10 -2.40 8.55 -6.20
CA VAL A 10 -2.41 9.27 -4.91
C VAL A 10 -3.08 8.44 -3.81
N TRP A 11 -2.47 8.41 -2.62
CA TRP A 11 -2.94 7.63 -1.49
C TRP A 11 -4.16 8.25 -0.77
N THR A 12 -5.04 7.38 -0.28
CA THR A 12 -6.26 7.71 0.47
C THR A 12 -6.43 6.72 1.63
N ASP A 13 -7.31 6.97 2.60
CA ASP A 13 -7.56 6.06 3.71
C ASP A 13 -8.27 4.77 3.30
N ALA A 14 -9.08 4.83 2.23
CA ALA A 14 -9.73 3.67 1.63
C ALA A 14 -8.77 2.83 0.75
N GLU A 15 -7.70 3.43 0.23
CA GLU A 15 -6.68 2.75 -0.59
C GLU A 15 -5.60 2.14 0.32
N HIS A 16 -5.17 2.86 1.37
CA HIS A 16 -4.16 2.36 2.32
C HIS A 16 -4.57 1.05 2.98
N ALA A 17 -5.87 0.92 3.28
CA ALA A 17 -6.50 -0.28 3.80
C ALA A 17 -6.29 -1.54 2.93
N LYS A 18 -5.84 -1.42 1.67
CA LYS A 18 -5.45 -2.55 0.81
C LYS A 18 -3.94 -2.80 0.79
N PHE A 19 -3.10 -1.78 0.83
CA PHE A 19 -1.63 -1.94 0.95
C PHE A 19 -1.23 -2.74 2.19
N VAL A 20 -1.93 -2.50 3.30
CA VAL A 20 -1.70 -3.20 4.58
C VAL A 20 -2.07 -4.69 4.56
N GLU A 21 -2.69 -5.17 3.49
CA GLU A 21 -3.05 -6.57 3.30
C GLU A 21 -1.94 -7.37 2.64
N GLY A 22 -1.37 -6.88 1.54
CA GLY A 22 -0.27 -7.55 0.86
C GLY A 22 0.95 -7.80 1.77
N LEU A 23 1.06 -7.07 2.88
CA LEU A 23 2.08 -7.30 3.92
C LEU A 23 1.94 -8.68 4.60
N ALA A 24 0.71 -9.21 4.65
CA ALA A 24 0.35 -10.51 5.17
C ALA A 24 0.20 -11.60 4.09
N LEU A 25 0.23 -11.23 2.79
CA LEU A 25 0.15 -12.16 1.65
C LEU A 25 1.55 -12.48 1.12
N PHE A 26 2.20 -11.44 0.59
CA PHE A 26 3.51 -11.53 -0.09
C PHE A 26 4.69 -11.51 0.89
N HIS A 27 4.51 -10.90 2.07
CA HIS A 27 5.55 -10.64 3.09
C HIS A 27 6.76 -9.84 2.55
N LYS A 28 6.72 -8.51 2.68
CA LYS A 28 7.83 -7.56 2.43
C LYS A 28 8.39 -7.66 1.01
N ASP A 29 7.53 -7.36 0.03
CA ASP A 29 7.81 -7.48 -1.41
C ASP A 29 6.88 -6.52 -2.19
N TRP A 30 7.24 -5.24 -2.24
CA TRP A 30 6.39 -4.18 -2.78
C TRP A 30 6.12 -4.38 -4.29
N LYS A 31 7.08 -5.02 -4.97
CA LYS A 31 7.02 -5.54 -6.35
C LYS A 31 5.88 -6.52 -6.63
N LYS A 32 5.09 -6.92 -5.61
CA LYS A 32 3.84 -7.67 -5.77
C LYS A 32 2.61 -6.90 -5.26
N ILE A 33 2.77 -6.00 -4.29
CA ILE A 33 1.67 -5.19 -3.73
C ILE A 33 0.99 -4.32 -4.78
N LYS A 34 1.73 -3.87 -5.79
CA LYS A 34 1.17 -3.17 -6.95
C LYS A 34 0.05 -3.94 -7.67
N GLU A 35 0.09 -5.28 -7.64
CA GLU A 35 -0.97 -6.16 -8.17
C GLU A 35 -2.21 -6.26 -7.26
N TYR A 36 -2.08 -6.00 -5.95
CA TYR A 36 -3.17 -6.20 -5.00
C TYR A 36 -4.17 -5.04 -5.07
N ILE A 37 -3.64 -3.83 -5.05
CA ILE A 37 -4.41 -2.58 -5.26
C ILE A 37 -4.93 -2.47 -6.71
N GLY A 38 -4.14 -2.88 -7.70
CA GLY A 38 -4.52 -2.94 -9.11
C GLY A 38 -3.74 -1.97 -9.99
N THR A 39 -2.75 -2.49 -10.70
CA THR A 39 -1.93 -1.85 -11.76
C THR A 39 -1.35 -0.50 -11.34
N LYS A 40 -0.54 -0.49 -10.27
CA LYS A 40 0.15 0.70 -9.74
C LYS A 40 1.67 0.64 -9.92
N THR A 41 2.32 1.79 -9.98
CA THR A 41 3.78 1.92 -9.83
C THR A 41 4.17 1.58 -8.37
N VAL A 42 5.39 1.15 -8.07
CA VAL A 42 5.81 0.77 -6.70
C VAL A 42 6.35 1.95 -5.87
N VAL A 43 6.79 3.05 -6.47
CA VAL A 43 7.39 4.22 -5.75
C VAL A 43 6.58 4.73 -4.54
N GLN A 44 5.29 5.05 -4.73
CA GLN A 44 4.35 5.47 -3.67
C GLN A 44 4.05 4.34 -2.68
N ILE A 45 3.99 3.08 -3.14
CA ILE A 45 3.87 1.92 -2.25
C ILE A 45 5.10 1.78 -1.35
N ARG A 46 6.30 2.03 -1.89
CA ARG A 46 7.59 1.95 -1.17
C ARG A 46 7.71 3.03 -0.09
N SER A 47 7.18 4.20 -0.41
CA SER A 47 7.00 5.34 0.50
C SER A 47 5.98 5.07 1.61
N HIS A 48 4.80 4.53 1.28
CA HIS A 48 3.74 4.29 2.27
C HIS A 48 3.93 3.02 3.10
N ALA A 49 4.65 2.04 2.57
CA ALA A 49 4.97 0.82 3.30
C ALA A 49 5.67 1.19 4.62
N GLN A 50 6.76 1.95 4.58
CA GLN A 50 7.42 2.48 5.77
C GLN A 50 6.51 3.24 6.77
N LYS A 51 5.36 3.80 6.35
CA LYS A 51 4.35 4.33 7.29
C LYS A 51 3.71 3.23 8.15
N TYR A 52 3.46 2.01 7.62
CA TYR A 52 2.97 0.90 8.47
C TYR A 52 3.94 0.60 9.63
N PHE A 53 5.24 0.69 9.37
CA PHE A 53 6.33 0.39 10.30
C PHE A 53 6.40 1.43 11.42
N LEU A 54 6.37 2.72 11.08
CA LEU A 54 6.32 3.82 12.06
C LEU A 54 5.06 3.80 12.92
N LYS A 55 3.90 3.51 12.32
CA LYS A 55 2.56 3.51 12.95
C LYS A 55 2.27 2.29 13.83
N LEU A 56 3.07 1.23 13.73
CA LEU A 56 2.91 -0.03 14.47
C LEU A 56 3.01 0.16 16.00
N ASN A 57 1.89 -0.07 16.70
CA ASN A 57 1.84 -0.18 18.16
C ASN A 57 2.25 -1.61 18.58
N LYS A 58 3.30 -1.72 19.39
CA LYS A 58 3.97 -2.98 19.78
C LYS A 58 4.45 -2.98 21.24
N THR A 59 4.62 -4.18 21.80
CA THR A 59 4.91 -4.44 23.24
C THR A 59 6.27 -3.87 23.72
N ALA A 60 6.38 -3.61 25.02
CA ALA A 60 7.51 -3.01 25.77
C ALA A 60 7.91 -1.58 25.33
N GLY A 1 -15.06 10.75 -7.22
CA GLY A 1 -14.94 11.20 -8.62
C GLY A 1 -13.65 10.78 -9.30
N PRO A 2 -13.30 11.41 -10.44
CA PRO A 2 -12.15 11.07 -11.30
C PRO A 2 -10.78 11.19 -10.62
N LEU A 3 -9.72 10.70 -11.28
CA LEU A 3 -8.34 10.75 -10.80
C LEU A 3 -7.89 12.19 -10.49
N GLY A 4 -7.46 12.42 -9.24
CA GLY A 4 -6.95 13.70 -8.74
C GLY A 4 -6.37 13.56 -7.33
N SER A 5 -5.16 14.09 -7.11
CA SER A 5 -4.43 13.94 -5.85
C SER A 5 -4.98 14.83 -4.74
N LYS A 6 -5.10 14.29 -3.53
CA LYS A 6 -5.55 14.98 -2.31
C LYS A 6 -4.67 16.19 -1.97
N LYS A 7 -3.36 16.08 -2.19
CA LYS A 7 -2.36 17.17 -2.16
C LYS A 7 -1.25 16.96 -3.20
N ARG A 8 -0.48 15.87 -3.06
CA ARG A 8 0.71 15.55 -3.90
C ARG A 8 0.88 14.04 -4.18
N GLU A 9 0.44 13.17 -3.28
CA GLU A 9 0.46 11.71 -3.46
C GLU A 9 -0.84 11.17 -4.09
N VAL A 10 -0.78 10.08 -4.85
CA VAL A 10 -1.96 9.44 -5.49
C VAL A 10 -2.75 8.48 -4.58
N TRP A 11 -2.35 8.36 -3.30
CA TRP A 11 -3.00 7.49 -2.30
C TRP A 11 -4.37 8.02 -1.82
N THR A 12 -5.17 7.11 -1.25
CA THR A 12 -6.46 7.38 -0.58
C THR A 12 -6.57 6.52 0.68
N ASP A 13 -7.43 6.86 1.64
CA ASP A 13 -7.61 6.08 2.88
C ASP A 13 -8.27 4.70 2.64
N ALA A 14 -9.01 4.53 1.54
CA ALA A 14 -9.49 3.22 1.10
C ALA A 14 -8.45 2.42 0.30
N GLU A 15 -7.41 3.07 -0.23
CA GLU A 15 -6.38 2.44 -1.04
C GLU A 15 -5.24 1.96 -0.13
N HIS A 16 -4.85 2.77 0.86
CA HIS A 16 -3.83 2.39 1.85
C HIS A 16 -4.24 1.14 2.63
N ALA A 17 -5.53 1.02 2.96
CA ALA A 17 -6.17 -0.15 3.56
C ALA A 17 -6.06 -1.45 2.72
N LYS A 18 -5.57 -1.37 1.47
CA LYS A 18 -5.24 -2.52 0.61
C LYS A 18 -3.73 -2.81 0.58
N PHE A 19 -2.88 -1.79 0.60
CA PHE A 19 -1.41 -1.95 0.80
C PHE A 19 -1.13 -2.75 2.08
N VAL A 20 -1.91 -2.46 3.13
CA VAL A 20 -1.85 -3.07 4.47
C VAL A 20 -2.20 -4.59 4.46
N GLU A 21 -2.82 -5.11 3.40
CA GLU A 21 -3.11 -6.54 3.22
C GLU A 21 -1.93 -7.28 2.61
N GLY A 22 -1.40 -6.78 1.49
CA GLY A 22 -0.29 -7.43 0.78
C GLY A 22 0.96 -7.60 1.65
N LEU A 23 1.06 -6.90 2.78
CA LEU A 23 2.12 -7.15 3.78
C LEU A 23 2.05 -8.60 4.29
N ALA A 24 0.84 -9.07 4.59
CA ALA A 24 0.53 -10.41 5.07
C ALA A 24 0.60 -11.48 3.96
N LEU A 25 0.24 -11.14 2.72
CA LEU A 25 0.14 -12.09 1.60
C LEU A 25 1.52 -12.40 1.01
N PHE A 26 2.19 -11.34 0.55
CA PHE A 26 3.47 -11.43 -0.15
C PHE A 26 4.69 -11.39 0.78
N HIS A 27 4.49 -11.00 2.05
CA HIS A 27 5.55 -10.89 3.06
C HIS A 27 6.60 -9.85 2.68
N LYS A 28 6.21 -8.57 2.82
CA LYS A 28 7.03 -7.35 2.70
C LYS A 28 7.76 -7.29 1.35
N ASP A 29 6.99 -7.21 0.27
CA ASP A 29 7.44 -7.38 -1.11
C ASP A 29 6.61 -6.47 -2.03
N TRP A 30 7.02 -5.21 -2.12
CA TRP A 30 6.28 -4.13 -2.74
C TRP A 30 6.08 -4.39 -4.24
N LYS A 31 7.07 -5.06 -4.87
CA LYS A 31 7.04 -5.61 -6.25
C LYS A 31 5.91 -6.63 -6.48
N LYS A 32 5.11 -6.97 -5.46
CA LYS A 32 3.88 -7.75 -5.58
C LYS A 32 2.65 -6.95 -5.14
N ILE A 33 2.76 -6.09 -4.12
CA ILE A 33 1.64 -5.28 -3.59
C ILE A 33 0.94 -4.46 -4.66
N LYS A 34 1.68 -3.91 -5.63
CA LYS A 34 1.09 -3.15 -6.73
C LYS A 34 0.00 -3.91 -7.50
N GLU A 35 0.12 -5.23 -7.61
CA GLU A 35 -0.86 -6.09 -8.31
C GLU A 35 -2.14 -6.35 -7.48
N TYR A 36 -2.09 -6.15 -6.16
CA TYR A 36 -3.25 -6.27 -5.28
C TYR A 36 -4.14 -5.02 -5.36
N ILE A 37 -3.50 -3.85 -5.38
CA ILE A 37 -4.16 -2.55 -5.54
C ILE A 37 -4.69 -2.29 -6.97
N GLY A 38 -3.96 -2.66 -8.03
CA GLY A 38 -4.42 -2.43 -9.42
C GLY A 38 -3.44 -2.68 -10.58
N THR A 39 -2.32 -3.39 -10.37
CA THR A 39 -1.19 -3.54 -11.32
C THR A 39 -0.46 -2.21 -11.65
N LYS A 40 -0.51 -1.27 -10.69
CA LYS A 40 0.13 0.05 -10.66
C LYS A 40 1.67 0.00 -10.56
N THR A 41 2.33 1.15 -10.44
CA THR A 41 3.77 1.25 -10.09
C THR A 41 4.01 0.93 -8.59
N VAL A 42 5.28 0.79 -8.17
CA VAL A 42 5.68 0.50 -6.77
C VAL A 42 6.13 1.76 -6.00
N VAL A 43 6.48 2.85 -6.69
CA VAL A 43 7.04 4.10 -6.11
C VAL A 43 6.24 4.63 -4.91
N GLN A 44 4.92 4.70 -5.03
CA GLN A 44 3.97 5.10 -3.98
C GLN A 44 3.92 4.10 -2.81
N ILE A 45 4.00 2.80 -3.07
CA ILE A 45 4.02 1.75 -2.04
C ILE A 45 5.34 1.79 -1.26
N ARG A 46 6.45 2.12 -1.91
CA ARG A 46 7.78 2.13 -1.28
C ARG A 46 7.88 3.08 -0.09
N SER A 47 7.30 4.26 -0.25
CA SER A 47 7.19 5.28 0.80
C SER A 47 6.02 5.02 1.77
N HIS A 48 4.82 4.64 1.31
CA HIS A 48 3.70 4.40 2.23
C HIS A 48 3.88 3.14 3.06
N ALA A 49 4.60 2.12 2.57
CA ALA A 49 4.90 0.94 3.36
C ALA A 49 5.67 1.33 4.64
N GLN A 50 6.73 2.13 4.52
CA GLN A 50 7.49 2.65 5.67
C GLN A 50 6.63 3.39 6.74
N LYS A 51 5.41 3.85 6.38
CA LYS A 51 4.40 4.36 7.31
C LYS A 51 3.71 3.26 8.13
N TYR A 52 3.47 2.04 7.61
CA TYR A 52 2.97 0.92 8.44
C TYR A 52 3.91 0.70 9.64
N PHE A 53 5.23 0.76 9.42
CA PHE A 53 6.24 0.44 10.43
C PHE A 53 6.31 1.47 11.57
N LEU A 54 6.27 2.77 11.25
CA LEU A 54 6.35 3.82 12.27
C LEU A 54 5.07 3.91 13.13
N LYS A 55 3.91 3.48 12.60
CA LYS A 55 2.67 3.29 13.37
C LYS A 55 2.77 2.17 14.42
N LEU A 56 3.62 1.16 14.17
CA LEU A 56 3.99 0.10 15.10
C LEU A 56 5.20 0.45 16.00
N ASN A 57 5.96 1.51 15.68
CA ASN A 57 7.09 1.96 16.51
C ASN A 57 6.62 2.67 17.81
N LYS A 58 5.38 3.19 17.83
CA LYS A 58 4.70 3.70 19.04
C LYS A 58 4.49 2.60 20.09
N THR A 59 4.45 2.97 21.37
CA THR A 59 4.06 2.06 22.46
C THR A 59 2.61 1.59 22.32
N ALA A 60 2.36 0.29 22.50
CA ALA A 60 1.02 -0.32 22.45
C ALA A 60 0.95 -1.62 23.26
N GLY A 1 -14.58 -4.57 -25.99
CA GLY A 1 -15.95 -4.91 -25.59
C GLY A 1 -16.36 -4.14 -24.35
N PRO A 2 -16.52 -4.80 -23.19
CA PRO A 2 -16.81 -4.13 -21.93
C PRO A 2 -15.65 -3.20 -21.55
N LEU A 3 -15.96 -1.95 -21.19
CA LEU A 3 -14.94 -0.89 -21.01
C LEU A 3 -13.98 -1.12 -19.83
N GLY A 4 -14.41 -1.87 -18.81
CA GLY A 4 -13.56 -2.32 -17.69
C GLY A 4 -12.99 -1.20 -16.81
N SER A 5 -13.75 -0.13 -16.60
CA SER A 5 -13.32 1.03 -15.79
C SER A 5 -13.24 0.67 -14.29
N LYS A 6 -12.17 1.14 -13.63
CA LYS A 6 -11.91 0.93 -12.19
C LYS A 6 -10.84 1.93 -11.71
N LYS A 7 -10.92 2.32 -10.43
CA LYS A 7 -10.05 3.36 -9.84
C LYS A 7 -8.57 2.98 -9.98
N ARG A 8 -7.76 3.90 -10.54
CA ARG A 8 -6.32 3.73 -10.84
C ARG A 8 -5.45 4.94 -10.43
N GLU A 9 -6.06 5.94 -9.81
CA GLU A 9 -5.50 7.23 -9.43
C GLU A 9 -4.61 7.18 -8.15
N VAL A 10 -4.01 8.31 -7.77
CA VAL A 10 -3.20 8.56 -6.55
C VAL A 10 -3.84 8.04 -5.24
N TRP A 11 -3.00 7.65 -4.26
CA TRP A 11 -3.40 7.08 -2.95
C TRP A 11 -4.48 7.89 -2.20
N THR A 12 -5.33 7.18 -1.43
CA THR A 12 -6.27 7.79 -0.47
C THR A 12 -5.99 7.30 0.96
N ASP A 13 -6.43 8.07 1.97
CA ASP A 13 -6.25 7.76 3.39
C ASP A 13 -7.05 6.51 3.88
N ALA A 14 -7.78 5.84 3.00
CA ALA A 14 -8.41 4.54 3.24
C ALA A 14 -8.03 3.47 2.19
N GLU A 15 -7.48 3.85 1.03
CA GLU A 15 -7.00 2.91 0.01
C GLU A 15 -5.67 2.28 0.46
N HIS A 16 -4.93 2.99 1.30
CA HIS A 16 -3.73 2.49 1.97
C HIS A 16 -4.01 1.17 2.72
N ALA A 17 -5.23 1.02 3.26
CA ALA A 17 -5.68 -0.17 3.97
C ALA A 17 -5.70 -1.45 3.11
N LYS A 18 -5.56 -1.34 1.78
CA LYS A 18 -5.33 -2.45 0.84
C LYS A 18 -3.84 -2.79 0.71
N PHE A 19 -2.96 -1.80 0.70
CA PHE A 19 -1.50 -2.00 0.80
C PHE A 19 -1.15 -2.80 2.07
N VAL A 20 -1.84 -2.50 3.16
CA VAL A 20 -1.72 -3.14 4.47
C VAL A 20 -2.04 -4.64 4.45
N GLU A 21 -2.77 -5.12 3.44
CA GLU A 21 -3.14 -6.53 3.28
C GLU A 21 -2.03 -7.33 2.61
N GLY A 22 -1.41 -6.77 1.57
CA GLY A 22 -0.29 -7.40 0.89
C GLY A 22 0.91 -7.67 1.81
N LEU A 23 1.01 -6.96 2.95
CA LEU A 23 2.04 -7.24 3.97
C LEU A 23 1.82 -8.59 4.69
N ALA A 24 0.61 -9.14 4.60
CA ALA A 24 0.26 -10.50 5.03
C ALA A 24 0.33 -11.53 3.88
N LEU A 25 0.16 -11.13 2.61
CA LEU A 25 0.14 -12.03 1.43
C LEU A 25 1.54 -12.31 0.87
N PHE A 26 2.28 -11.22 0.64
CA PHE A 26 3.65 -11.23 0.08
C PHE A 26 4.74 -11.04 1.16
N HIS A 27 4.32 -10.81 2.41
CA HIS A 27 5.13 -10.57 3.62
C HIS A 27 5.88 -9.23 3.64
N LYS A 28 6.82 -9.01 2.71
CA LYS A 28 7.68 -7.81 2.62
C LYS A 28 8.29 -7.69 1.22
N ASP A 29 7.47 -7.37 0.23
CA ASP A 29 7.88 -7.26 -1.17
C ASP A 29 6.90 -6.37 -1.95
N TRP A 30 7.31 -5.12 -2.16
CA TRP A 30 6.50 -4.12 -2.85
C TRP A 30 6.25 -4.48 -4.33
N LYS A 31 7.12 -5.32 -4.94
CA LYS A 31 7.03 -5.77 -6.34
C LYS A 31 5.89 -6.77 -6.59
N LYS A 32 5.04 -7.02 -5.57
CA LYS A 32 3.79 -7.78 -5.68
C LYS A 32 2.58 -6.98 -5.19
N ILE A 33 2.76 -6.05 -4.25
CA ILE A 33 1.69 -5.15 -3.78
C ILE A 33 1.05 -4.35 -4.92
N LYS A 34 1.79 -4.07 -6.00
CA LYS A 34 1.21 -3.41 -7.21
C LYS A 34 0.00 -4.16 -7.78
N GLU A 35 0.00 -5.49 -7.69
CA GLU A 35 -1.09 -6.35 -8.15
C GLU A 35 -2.33 -6.32 -7.24
N TYR A 36 -2.16 -6.05 -5.95
CA TYR A 36 -3.25 -6.22 -4.98
C TYR A 36 -4.23 -5.04 -5.05
N ILE A 37 -3.65 -3.85 -5.11
CA ILE A 37 -4.34 -2.58 -5.39
C ILE A 37 -4.74 -2.52 -6.88
N GLY A 38 -3.78 -2.77 -7.77
CA GLY A 38 -3.94 -2.85 -9.23
C GLY A 38 -3.21 -1.74 -10.00
N THR A 39 -2.33 -2.14 -10.92
CA THR A 39 -1.67 -1.30 -11.94
C THR A 39 -0.85 -0.13 -11.37
N LYS A 40 -0.02 -0.41 -10.35
CA LYS A 40 0.95 0.53 -9.76
C LYS A 40 2.40 0.30 -10.24
N THR A 41 3.29 1.24 -9.93
CA THR A 41 4.74 1.25 -10.29
C THR A 41 5.67 0.93 -9.10
N VAL A 42 5.07 0.57 -7.97
CA VAL A 42 5.64 0.45 -6.62
C VAL A 42 6.20 1.73 -6.01
N VAL A 43 6.53 2.77 -6.79
CA VAL A 43 7.19 3.99 -6.26
C VAL A 43 6.33 4.69 -5.20
N GLN A 44 5.01 4.74 -5.42
CA GLN A 44 4.03 5.28 -4.47
C GLN A 44 3.77 4.32 -3.29
N ILE A 45 3.83 3.01 -3.53
CA ILE A 45 3.74 1.97 -2.48
C ILE A 45 4.94 2.05 -1.53
N ARG A 46 6.13 2.32 -2.04
CA ARG A 46 7.40 2.32 -1.26
C ARG A 46 7.35 3.29 -0.08
N SER A 47 6.88 4.50 -0.35
CA SER A 47 6.75 5.59 0.62
C SER A 47 5.59 5.39 1.60
N HIS A 48 4.43 4.92 1.12
CA HIS A 48 3.30 4.58 1.98
C HIS A 48 3.59 3.37 2.88
N ALA A 49 4.33 2.36 2.39
CA ALA A 49 4.68 1.15 3.12
C ALA A 49 5.33 1.50 4.47
N GLN A 50 6.42 2.25 4.47
CA GLN A 50 7.13 2.72 5.66
C GLN A 50 6.23 3.25 6.80
N LYS A 51 5.06 3.82 6.50
CA LYS A 51 4.08 4.24 7.52
C LYS A 51 3.52 3.07 8.34
N TYR A 52 3.26 1.89 7.75
CA TYR A 52 2.89 0.71 8.55
C TYR A 52 3.97 0.43 9.61
N PHE A 53 5.25 0.50 9.23
CA PHE A 53 6.39 0.18 10.09
C PHE A 53 6.61 1.20 11.21
N LEU A 54 6.31 2.48 10.97
CA LEU A 54 6.28 3.52 12.02
C LEU A 54 5.13 3.27 13.01
N LYS A 55 3.94 2.90 12.54
CA LYS A 55 2.77 2.64 13.40
C LYS A 55 2.85 1.28 14.14
N LEU A 56 3.58 0.31 13.59
CA LEU A 56 3.85 -1.00 14.18
C LEU A 56 4.55 -0.91 15.54
N ASN A 57 5.57 -0.05 15.66
CA ASN A 57 6.37 0.15 16.87
C ASN A 57 5.50 0.67 18.03
N LYS A 58 5.50 -0.06 19.16
CA LYS A 58 4.70 0.21 20.37
C LYS A 58 5.40 1.20 21.33
N THR A 59 6.02 2.23 20.75
CA THR A 59 6.93 3.19 21.39
C THR A 59 8.09 2.48 22.10
N ALA A 60 8.91 1.81 21.28
CA ALA A 60 10.08 1.01 21.67
C ALA A 60 11.39 1.64 21.15
N GLY A 1 -23.00 -0.82 -3.77
CA GLY A 1 -21.81 -1.59 -3.42
C GLY A 1 -20.67 -1.29 -4.39
N PRO A 2 -19.49 -0.88 -3.90
CA PRO A 2 -18.34 -0.53 -4.73
C PRO A 2 -17.74 -1.75 -5.45
N LEU A 3 -17.11 -1.53 -6.61
CA LEU A 3 -16.53 -2.59 -7.44
C LEU A 3 -15.24 -3.17 -6.82
N GLY A 4 -14.98 -4.46 -7.06
CA GLY A 4 -13.73 -5.11 -6.63
C GLY A 4 -12.48 -4.53 -7.31
N SER A 5 -12.58 -4.12 -8.58
CA SER A 5 -11.50 -3.47 -9.35
C SER A 5 -11.24 -1.99 -8.99
N LYS A 6 -11.89 -1.45 -7.95
CA LYS A 6 -11.73 -0.07 -7.49
C LYS A 6 -10.28 0.26 -7.08
N LYS A 7 -9.80 1.43 -7.52
CA LYS A 7 -8.51 2.06 -7.17
C LYS A 7 -8.54 3.57 -7.45
N ARG A 8 -7.44 4.29 -7.19
CA ARG A 8 -7.18 5.69 -7.62
C ARG A 8 -5.76 5.89 -8.15
N GLU A 9 -5.51 7.05 -8.76
CA GLU A 9 -4.23 7.55 -9.28
C GLU A 9 -3.39 8.33 -8.26
N VAL A 10 -3.88 8.51 -7.02
CA VAL A 10 -3.22 9.13 -5.86
C VAL A 10 -3.50 8.30 -4.61
N TRP A 11 -2.64 8.31 -3.60
CA TRP A 11 -2.93 7.63 -2.33
C TRP A 11 -4.06 8.31 -1.53
N THR A 12 -4.88 7.48 -0.86
CA THR A 12 -5.97 7.91 0.05
C THR A 12 -6.07 6.91 1.21
N ASP A 13 -6.69 7.30 2.33
CA ASP A 13 -6.89 6.40 3.48
C ASP A 13 -7.83 5.21 3.19
N ALA A 14 -8.73 5.34 2.21
CA ALA A 14 -9.52 4.21 1.72
C ALA A 14 -8.68 3.23 0.89
N GLU A 15 -7.63 3.72 0.21
CA GLU A 15 -6.73 2.92 -0.62
C GLU A 15 -5.63 2.26 0.25
N HIS A 16 -5.17 2.95 1.30
CA HIS A 16 -4.14 2.45 2.24
C HIS A 16 -4.56 1.12 2.87
N ALA A 17 -5.87 0.98 3.15
CA ALA A 17 -6.50 -0.24 3.65
C ALA A 17 -6.27 -1.49 2.79
N LYS A 18 -5.84 -1.36 1.52
CA LYS A 18 -5.42 -2.49 0.66
C LYS A 18 -3.91 -2.78 0.73
N PHE A 19 -3.07 -1.76 0.79
CA PHE A 19 -1.60 -1.91 0.92
C PHE A 19 -1.23 -2.74 2.15
N VAL A 20 -1.94 -2.49 3.26
CA VAL A 20 -1.69 -3.17 4.54
C VAL A 20 -1.97 -4.68 4.50
N GLU A 21 -2.72 -5.15 3.50
CA GLU A 21 -3.03 -6.57 3.32
C GLU A 21 -1.93 -7.30 2.58
N GLY A 22 -1.38 -6.71 1.50
CA GLY A 22 -0.22 -7.26 0.80
C GLY A 22 0.96 -7.56 1.72
N LEU A 23 1.05 -6.90 2.88
CA LEU A 23 2.07 -7.22 3.89
C LEU A 23 1.90 -8.66 4.43
N ALA A 24 0.67 -9.15 4.57
CA ALA A 24 0.33 -10.53 4.94
C ALA A 24 0.42 -11.55 3.78
N LEU A 25 0.29 -11.10 2.51
CA LEU A 25 0.27 -11.98 1.32
C LEU A 25 1.68 -12.25 0.78
N PHE A 26 2.50 -11.20 0.73
CA PHE A 26 3.84 -11.22 0.15
C PHE A 26 4.98 -11.04 1.17
N HIS A 27 4.66 -10.59 2.39
CA HIS A 27 5.61 -10.50 3.53
C HIS A 27 6.88 -9.68 3.24
N LYS A 28 6.70 -8.35 3.06
CA LYS A 28 7.72 -7.35 2.71
C LYS A 28 8.30 -7.57 1.30
N ASP A 29 7.50 -7.24 0.29
CA ASP A 29 7.81 -7.37 -1.14
C ASP A 29 6.90 -6.44 -1.97
N TRP A 30 7.28 -5.18 -2.14
CA TRP A 30 6.43 -4.15 -2.74
C TRP A 30 6.16 -4.44 -4.23
N LYS A 31 7.11 -5.14 -4.87
CA LYS A 31 7.03 -5.73 -6.23
C LYS A 31 5.90 -6.76 -6.39
N LYS A 32 5.07 -7.00 -5.37
CA LYS A 32 3.84 -7.78 -5.44
C LYS A 32 2.62 -6.97 -4.98
N ILE A 33 2.79 -5.99 -4.09
CA ILE A 33 1.72 -5.10 -3.62
C ILE A 33 1.06 -4.32 -4.77
N LYS A 34 1.83 -3.93 -5.79
CA LYS A 34 1.27 -3.30 -7.00
C LYS A 34 0.15 -4.12 -7.65
N GLU A 35 0.23 -5.44 -7.59
CA GLU A 35 -0.80 -6.35 -8.11
C GLU A 35 -2.12 -6.31 -7.32
N TYR A 36 -2.04 -6.07 -6.01
CA TYR A 36 -3.16 -6.20 -5.09
C TYR A 36 -4.07 -4.97 -5.16
N ILE A 37 -3.43 -3.81 -5.20
CA ILE A 37 -4.11 -2.54 -5.47
C ILE A 37 -4.53 -2.43 -6.97
N GLY A 38 -3.71 -2.88 -7.94
CA GLY A 38 -4.14 -3.03 -9.35
C GLY A 38 -3.15 -2.57 -10.44
N THR A 39 -2.10 -3.35 -10.69
CA THR A 39 -1.11 -3.19 -11.80
C THR A 39 -0.39 -1.83 -11.82
N LYS A 40 -0.31 -1.17 -10.66
CA LYS A 40 0.37 0.12 -10.43
C LYS A 40 1.90 0.04 -10.53
N THR A 41 2.59 1.18 -10.52
CA THR A 41 4.05 1.25 -10.30
C THR A 41 4.34 1.11 -8.80
N VAL A 42 5.58 0.78 -8.42
CA VAL A 42 5.94 0.52 -7.00
C VAL A 42 6.43 1.78 -6.26
N VAL A 43 6.85 2.84 -6.96
CA VAL A 43 7.50 4.05 -6.36
C VAL A 43 6.73 4.64 -5.17
N GLN A 44 5.48 5.03 -5.41
CA GLN A 44 4.49 5.55 -4.43
C GLN A 44 4.11 4.50 -3.38
N ILE A 45 4.05 3.21 -3.76
CA ILE A 45 3.78 2.12 -2.82
C ILE A 45 4.91 2.00 -1.78
N ARG A 46 6.17 2.24 -2.17
CA ARG A 46 7.31 2.21 -1.23
C ARG A 46 7.17 3.26 -0.12
N SER A 47 6.81 4.48 -0.51
CA SER A 47 6.64 5.61 0.42
C SER A 47 5.45 5.45 1.38
N HIS A 48 4.36 4.79 0.94
CA HIS A 48 3.25 4.43 1.83
C HIS A 48 3.57 3.20 2.69
N ALA A 49 4.23 2.18 2.14
CA ALA A 49 4.64 0.97 2.87
C ALA A 49 5.40 1.34 4.14
N GLN A 50 6.50 2.09 4.04
CA GLN A 50 7.28 2.55 5.19
C GLN A 50 6.47 3.15 6.37
N LYS A 51 5.24 3.65 6.15
CA LYS A 51 4.33 4.15 7.20
C LYS A 51 3.77 3.04 8.10
N TYR A 52 3.53 1.82 7.60
CA TYR A 52 3.05 0.72 8.44
C TYR A 52 4.00 0.47 9.64
N PHE A 53 5.31 0.60 9.40
CA PHE A 53 6.38 0.41 10.37
C PHE A 53 6.36 1.46 11.49
N LEU A 54 5.85 2.66 11.21
CA LEU A 54 5.69 3.74 12.20
C LEU A 54 4.49 3.51 13.15
N LYS A 55 3.50 2.72 12.73
CA LYS A 55 2.28 2.36 13.49
C LYS A 55 2.43 1.16 14.42
N LEU A 56 3.56 0.45 14.35
CA LEU A 56 3.89 -0.73 15.16
C LEU A 56 3.84 -0.47 16.69
N ASN A 57 3.54 -1.52 17.47
CA ASN A 57 3.47 -1.51 18.94
C ASN A 57 2.70 -0.31 19.53
N LYS A 58 1.46 -0.09 19.06
CA LYS A 58 0.60 1.06 19.41
C LYS A 58 1.22 2.40 19.03
N THR A 59 1.76 2.49 17.80
CA THR A 59 2.41 3.68 17.23
C THR A 59 3.56 4.20 18.12
N ALA A 60 4.44 3.27 18.54
CA ALA A 60 5.54 3.52 19.49
C ALA A 60 6.69 4.38 18.93
N GLY A 1 -19.52 15.94 -14.15
CA GLY A 1 -18.40 14.98 -14.08
C GLY A 1 -17.15 15.66 -13.54
N PRO A 2 -16.57 15.18 -12.42
CA PRO A 2 -15.49 15.87 -11.73
C PRO A 2 -14.21 16.13 -12.56
N LEU A 3 -13.55 17.25 -12.28
CA LEU A 3 -12.21 17.56 -12.79
C LEU A 3 -11.16 16.60 -12.22
N GLY A 4 -10.20 16.21 -13.06
CA GLY A 4 -9.11 15.27 -12.70
C GLY A 4 -9.54 13.80 -12.59
N SER A 5 -10.73 13.44 -13.03
CA SER A 5 -11.34 12.10 -12.80
C SER A 5 -10.72 10.94 -13.59
N LYS A 6 -9.81 11.17 -14.56
CA LYS A 6 -9.11 10.10 -15.29
C LYS A 6 -7.89 9.53 -14.56
N LYS A 7 -7.00 10.37 -14.01
CA LYS A 7 -5.84 9.91 -13.23
C LYS A 7 -6.28 9.13 -11.99
N ARG A 8 -5.67 7.96 -11.75
CA ARG A 8 -6.07 6.97 -10.73
C ARG A 8 -4.91 6.06 -10.34
N GLU A 9 -3.79 6.69 -9.97
CA GLU A 9 -2.54 6.04 -9.56
C GLU A 9 -2.12 6.44 -8.13
N VAL A 10 -2.58 7.59 -7.65
CA VAL A 10 -2.34 8.14 -6.30
C VAL A 10 -3.03 7.35 -5.19
N TRP A 11 -2.50 7.45 -3.97
CA TRP A 11 -3.14 6.96 -2.75
C TRP A 11 -4.42 7.73 -2.36
N THR A 12 -5.31 7.03 -1.63
CA THR A 12 -6.50 7.60 -0.98
C THR A 12 -6.64 7.06 0.45
N ASP A 13 -7.38 7.77 1.30
CA ASP A 13 -7.61 7.41 2.70
C ASP A 13 -8.33 6.05 2.90
N ALA A 14 -8.92 5.50 1.84
CA ALA A 14 -9.54 4.16 1.79
C ALA A 14 -8.74 3.14 0.98
N GLU A 15 -7.71 3.56 0.23
CA GLU A 15 -6.91 2.67 -0.61
C GLU A 15 -5.65 2.16 0.13
N HIS A 16 -5.10 2.94 1.09
CA HIS A 16 -3.98 2.51 1.93
C HIS A 16 -4.28 1.18 2.66
N ALA A 17 -5.54 0.99 3.05
CA ALA A 17 -6.03 -0.22 3.71
C ALA A 17 -5.80 -1.50 2.88
N LYS A 18 -5.66 -1.40 1.55
CA LYS A 18 -5.30 -2.50 0.66
C LYS A 18 -3.81 -2.87 0.74
N PHE A 19 -2.93 -1.87 0.83
CA PHE A 19 -1.48 -2.06 0.97
C PHE A 19 -1.15 -2.87 2.22
N VAL A 20 -1.87 -2.59 3.30
CA VAL A 20 -1.74 -3.26 4.60
C VAL A 20 -2.05 -4.77 4.53
N GLU A 21 -2.78 -5.22 3.50
CA GLU A 21 -3.10 -6.64 3.27
C GLU A 21 -1.94 -7.38 2.61
N GLY A 22 -1.33 -6.79 1.58
CA GLY A 22 -0.21 -7.41 0.88
C GLY A 22 0.98 -7.73 1.81
N LEU A 23 1.05 -7.09 2.98
CA LEU A 23 2.02 -7.42 4.03
C LEU A 23 1.77 -8.82 4.64
N ALA A 24 0.51 -9.28 4.67
CA ALA A 24 0.13 -10.65 5.01
C ALA A 24 0.34 -11.65 3.86
N LEU A 25 0.12 -11.24 2.59
CA LEU A 25 0.11 -12.13 1.42
C LEU A 25 1.54 -12.44 0.95
N PHE A 26 2.26 -11.37 0.61
CA PHE A 26 3.60 -11.40 0.01
C PHE A 26 4.72 -11.36 1.05
N HIS A 27 4.47 -10.61 2.14
CA HIS A 27 5.41 -10.30 3.24
C HIS A 27 6.66 -9.51 2.80
N LYS A 28 6.60 -8.17 2.93
CA LYS A 28 7.71 -7.21 2.78
C LYS A 28 8.36 -7.24 1.39
N ASP A 29 7.54 -6.99 0.37
CA ASP A 29 7.91 -7.09 -1.05
C ASP A 29 7.01 -6.17 -1.89
N TRP A 30 7.38 -4.90 -2.00
CA TRP A 30 6.53 -3.87 -2.60
C TRP A 30 6.29 -4.15 -4.09
N LYS A 31 7.26 -4.85 -4.70
CA LYS A 31 7.24 -5.44 -6.05
C LYS A 31 6.10 -6.43 -6.31
N LYS A 32 5.27 -6.75 -5.31
CA LYS A 32 4.03 -7.56 -5.45
C LYS A 32 2.80 -6.78 -5.06
N ILE A 33 2.89 -5.88 -4.08
CA ILE A 33 1.76 -5.04 -3.61
C ILE A 33 1.11 -4.25 -4.75
N LYS A 34 1.88 -3.84 -5.76
CA LYS A 34 1.37 -3.11 -6.94
C LYS A 34 0.29 -3.85 -7.72
N GLU A 35 0.27 -5.18 -7.64
CA GLU A 35 -0.79 -6.03 -8.21
C GLU A 35 -2.11 -5.92 -7.43
N TYR A 36 -2.04 -5.87 -6.10
CA TYR A 36 -3.20 -6.03 -5.23
C TYR A 36 -4.11 -4.80 -5.25
N ILE A 37 -3.47 -3.63 -5.22
CA ILE A 37 -4.12 -2.31 -5.36
C ILE A 37 -4.64 -2.03 -6.79
N GLY A 38 -4.13 -2.72 -7.82
CA GLY A 38 -4.71 -2.69 -9.18
C GLY A 38 -3.73 -2.40 -10.31
N THR A 39 -2.72 -3.28 -10.48
CA THR A 39 -1.75 -3.26 -11.58
C THR A 39 -1.05 -1.90 -11.76
N LYS A 40 -0.45 -1.42 -10.66
CA LYS A 40 0.19 -0.09 -10.51
C LYS A 40 1.72 -0.15 -10.59
N THR A 41 2.38 0.99 -10.42
CA THR A 41 3.82 1.15 -10.16
C THR A 41 4.13 0.95 -8.66
N VAL A 42 5.40 0.72 -8.27
CA VAL A 42 5.78 0.50 -6.85
C VAL A 42 6.15 1.80 -6.09
N VAL A 43 6.51 2.87 -6.80
CA VAL A 43 7.10 4.12 -6.22
C VAL A 43 6.33 4.69 -5.01
N GLN A 44 5.01 4.83 -5.14
CA GLN A 44 4.07 5.30 -4.09
C GLN A 44 3.92 4.29 -2.94
N ILE A 45 3.92 2.99 -3.22
CA ILE A 45 3.90 1.94 -2.19
C ILE A 45 5.19 1.99 -1.37
N ARG A 46 6.33 2.26 -2.00
CA ARG A 46 7.65 2.29 -1.38
C ARG A 46 7.74 3.28 -0.21
N SER A 47 7.06 4.43 -0.34
CA SER A 47 6.92 5.44 0.72
C SER A 47 5.83 5.12 1.73
N HIS A 48 4.63 4.69 1.29
CA HIS A 48 3.50 4.39 2.20
C HIS A 48 3.75 3.14 3.04
N ALA A 49 4.45 2.13 2.52
CA ALA A 49 4.79 0.90 3.23
C ALA A 49 5.45 1.22 4.57
N GLN A 50 6.57 1.93 4.54
CA GLN A 50 7.30 2.43 5.72
C GLN A 50 6.41 3.05 6.82
N LYS A 51 5.25 3.63 6.47
CA LYS A 51 4.26 4.12 7.45
C LYS A 51 3.61 3.02 8.30
N TYR A 52 3.33 1.82 7.75
CA TYR A 52 2.85 0.69 8.57
C TYR A 52 3.89 0.38 9.68
N PHE A 53 5.17 0.37 9.31
CA PHE A 53 6.29 -0.02 10.18
C PHE A 53 6.46 0.98 11.34
N LEU A 54 6.43 2.28 11.04
CA LEU A 54 6.44 3.38 12.03
C LEU A 54 5.20 3.38 12.93
N LYS A 55 4.02 3.06 12.41
CA LYS A 55 2.79 2.94 13.20
C LYS A 55 2.83 1.72 14.13
N LEU A 56 3.29 0.56 13.68
CA LEU A 56 3.39 -0.66 14.50
C LEU A 56 4.57 -0.65 15.50
N ASN A 57 5.50 0.31 15.38
CA ASN A 57 6.65 0.46 16.28
C ASN A 57 6.24 0.50 17.77
N LYS A 58 6.93 -0.28 18.62
CA LYS A 58 6.79 -0.30 20.09
C LYS A 58 5.33 -0.37 20.57
N THR A 59 4.58 -1.37 20.10
CA THR A 59 3.13 -1.53 20.34
C THR A 59 2.76 -3.01 20.61
N ALA A 60 1.63 -3.24 21.28
CA ALA A 60 0.98 -4.54 21.46
C ALA A 60 -0.53 -4.43 21.21
#